data_8ERO
#
_entry.id   8ERO
#
_cell.length_a   1.00
_cell.length_b   1.00
_cell.length_c   1.00
_cell.angle_alpha   90.00
_cell.angle_beta   90.00
_cell.angle_gamma   90.00
#
_symmetry.space_group_name_H-M   'P 1'
#
loop_
_entity.id
_entity.type
_entity.pdbx_description
1 polymer 'Cholinephosphotransferase 1'
2 non-polymer 'MAGNESIUM ION'
3 non-polymer 1-palmitoyl-2-oleoyl-sn-glycero-3-phosphocholine
4 non-polymer "CYTIDINE-5'-DIPHOSPHATE"
#
_entity_poly.entity_id   1
_entity_poly.type   'polypeptide(L)'
_entity_poly.pdbx_seq_one_letter_code
;MGLAEGLAARMAPHLYIQEPLSAQQLKKLEEHKYSASGRSLVEPPMQVYWNWLVEKVPLWLAPNTITMVGLLLNVLSTLI
LVCYCPTATEGAPFWTYLLCAIGLFVYQSLDAIDGKQARRTNSSSPLGEMFDHGCDSISIVFVNLGTIAAVRLGTLPGWM
FYCCFVGMFMFYCAQWQTYVCGTLKFGIIDVTELQISVTVMFLMTAVCGPELWDYEIPFTGLPMKTIPLLGIIGGTVYSC
SNYFRVILSGGVGKNGSTVAGTSVLSPGLHIGLVLLLALMIYKKSTTNLFLQNPCLYTLAFGFVSAKITIKLVIAHMTKS
EISLQDTAFIGPGLLFFNQYFNSFIDEYIVLWIAMVISFADLLRYCISVCLQIATHLRISVFRISSNQAAEQVQTQKQKL
TD
;
_entity_poly.pdbx_strand_id   A,B
#
loop_
_chem_comp.id
_chem_comp.type
_chem_comp.name
_chem_comp.formula
CDP non-polymer CYTIDINE-5'-DIPHOSPHATE 'C9 H15 N3 O11 P2'
LBN non-polymer 1-palmitoyl-2-oleoyl-sn-glycero-3-phosphocholine 'C42 H82 N O8 P'
MG non-polymer 'MAGNESIUM ION' 'Mg 2'
#
# COMPACT_ATOMS: atom_id res chain seq x y z
N PRO A 20 5.23 -17.07 -13.32
CA PRO A 20 5.50 -15.66 -13.62
C PRO A 20 4.58 -15.11 -14.70
N LEU A 21 4.27 -15.94 -15.69
CA LEU A 21 3.42 -15.58 -16.81
C LEU A 21 2.20 -16.50 -16.80
N SER A 22 1.01 -15.90 -16.82
CA SER A 22 -0.21 -16.69 -16.81
C SER A 22 -0.41 -17.37 -18.16
N ALA A 23 -1.27 -18.40 -18.17
CA ALA A 23 -1.47 -19.18 -19.38
C ALA A 23 -2.09 -18.34 -20.50
N GLN A 24 -3.10 -17.53 -20.17
CA GLN A 24 -3.74 -16.70 -21.18
C GLN A 24 -2.78 -15.63 -21.70
N GLN A 25 -2.03 -15.00 -20.81
CA GLN A 25 -1.07 -13.97 -21.22
C GLN A 25 0.04 -14.56 -22.08
N LEU A 26 0.55 -15.74 -21.68
CA LEU A 26 1.56 -16.40 -22.48
C LEU A 26 1.01 -16.80 -23.85
N LYS A 27 -0.25 -17.26 -23.89
CA LYS A 27 -0.86 -17.60 -25.17
C LYS A 27 -0.97 -16.36 -26.06
N LYS A 28 -1.35 -15.21 -25.49
CA LYS A 28 -1.39 -13.98 -26.25
C LYS A 28 0.00 -13.46 -26.62
N LEU A 29 1.05 -13.95 -25.97
CA LEU A 29 2.41 -13.53 -26.33
C LEU A 29 2.74 -13.91 -27.78
N GLU A 30 2.32 -15.10 -28.21
CA GLU A 30 2.55 -15.52 -29.59
C GLU A 30 1.74 -14.64 -30.54
N GLU A 31 2.02 -14.80 -31.84
CA GLU A 31 1.39 -14.02 -32.89
C GLU A 31 1.59 -12.52 -32.66
N HIS A 32 2.80 -12.16 -32.23
CA HIS A 32 3.17 -10.76 -32.01
C HIS A 32 4.12 -10.33 -33.11
N LYS A 33 3.80 -9.20 -33.75
CA LYS A 33 4.58 -8.67 -34.85
C LYS A 33 5.27 -7.39 -34.40
N TYR A 34 6.60 -7.37 -34.49
CA TYR A 34 7.35 -6.18 -34.14
C TYR A 34 7.19 -5.12 -35.22
N SER A 35 6.95 -3.87 -34.80
CA SER A 35 6.76 -2.78 -35.75
C SER A 35 7.32 -1.50 -35.15
N ALA A 36 8.03 -0.74 -35.98
CA ALA A 36 8.60 0.53 -35.57
C ALA A 36 8.77 1.42 -36.80
N SER A 37 8.51 2.71 -36.62
CA SER A 37 8.61 3.67 -37.71
C SER A 37 9.30 4.92 -37.21
N GLY A 38 10.22 5.44 -38.01
CA GLY A 38 10.95 6.65 -37.67
C GLY A 38 12.35 6.63 -38.24
N ARG A 39 12.95 7.81 -38.31
CA ARG A 39 14.30 7.96 -38.84
C ARG A 39 14.90 9.26 -38.31
N SER A 40 16.20 9.25 -38.10
CA SER A 40 16.93 10.39 -37.58
C SER A 40 17.86 10.95 -38.65
N LEU A 41 18.56 12.04 -38.30
CA LEU A 41 19.43 12.70 -39.27
C LEU A 41 20.64 11.83 -39.61
N VAL A 42 21.31 11.29 -38.59
CA VAL A 42 22.52 10.50 -38.82
C VAL A 42 22.22 9.04 -39.12
N GLU A 43 20.95 8.69 -39.34
CA GLU A 43 20.60 7.30 -39.61
C GLU A 43 21.20 6.74 -40.89
N PRO A 44 21.20 7.43 -42.03
CA PRO A 44 21.70 6.82 -43.28
C PRO A 44 23.16 6.40 -43.21
N PRO A 45 24.08 7.28 -42.78
CA PRO A 45 25.50 6.87 -42.81
C PRO A 45 25.82 5.73 -41.86
N MET A 46 25.36 5.84 -40.61
CA MET A 46 25.57 4.76 -39.66
C MET A 46 24.87 3.48 -40.11
N GLN A 47 23.73 3.61 -40.79
CA GLN A 47 23.02 2.46 -41.33
C GLN A 47 23.87 1.75 -42.38
N VAL A 48 24.50 2.52 -43.26
CA VAL A 48 25.39 1.94 -44.27
C VAL A 48 26.57 1.26 -43.61
N TYR A 49 27.15 1.90 -42.59
CA TYR A 49 28.28 1.30 -41.87
C TYR A 49 27.88 -0.02 -41.22
N TRP A 50 26.73 -0.04 -40.54
CA TRP A 50 26.29 -1.25 -39.86
C TRP A 50 25.98 -2.36 -40.86
N ASN A 51 25.40 -1.99 -42.02
CA ASN A 51 25.14 -3.00 -43.04
C ASN A 51 26.45 -3.59 -43.55
N TRP A 52 27.44 -2.75 -43.81
CA TRP A 52 28.74 -3.25 -44.27
C TRP A 52 29.36 -4.16 -43.22
N LEU A 53 29.20 -3.83 -41.94
CA LEU A 53 29.82 -4.64 -40.90
C LEU A 53 29.06 -5.95 -40.71
N VAL A 54 27.75 -5.97 -40.96
CA VAL A 54 27.00 -7.20 -40.79
C VAL A 54 27.17 -8.13 -41.97
N GLU A 55 27.56 -7.62 -43.15
CA GLU A 55 27.98 -8.54 -44.20
C GLU A 55 29.22 -9.35 -43.83
N LYS A 56 29.96 -8.97 -42.79
CA LYS A 56 31.14 -9.73 -42.40
C LYS A 56 31.01 -10.30 -40.99
N VAL A 57 29.84 -10.86 -40.67
CA VAL A 57 29.59 -11.48 -39.36
C VAL A 57 29.41 -12.97 -39.57
N PRO A 58 29.87 -13.82 -38.64
CA PRO A 58 29.61 -15.25 -38.77
C PRO A 58 28.13 -15.57 -38.74
N LEU A 59 27.75 -16.58 -39.52
CA LEU A 59 26.34 -16.94 -39.69
C LEU A 59 25.80 -17.79 -38.55
N TRP A 60 26.66 -18.43 -37.76
CA TRP A 60 26.23 -19.36 -36.73
C TRP A 60 26.07 -18.72 -35.36
N LEU A 61 26.24 -17.40 -35.25
CA LEU A 61 26.15 -16.71 -33.97
C LEU A 61 24.74 -16.19 -33.74
N ALA A 62 24.23 -16.42 -32.52
CA ALA A 62 22.88 -16.03 -32.09
C ALA A 62 22.86 -14.58 -31.61
N PRO A 63 21.79 -13.85 -31.89
CA PRO A 63 21.72 -12.44 -31.47
C PRO A 63 21.76 -12.24 -29.96
N ASN A 64 21.22 -13.19 -29.19
CA ASN A 64 21.19 -13.03 -27.74
C ASN A 64 22.60 -12.95 -27.17
N THR A 65 23.51 -13.78 -27.69
CA THR A 65 24.91 -13.70 -27.27
C THR A 65 25.50 -12.33 -27.60
N ILE A 66 25.14 -11.79 -28.76
CA ILE A 66 25.69 -10.49 -29.17
C ILE A 66 25.24 -9.39 -28.22
N THR A 67 23.93 -9.33 -27.92
CA THR A 67 23.45 -8.28 -27.04
C THR A 67 23.96 -8.47 -25.61
N MET A 68 24.09 -9.72 -25.16
CA MET A 68 24.65 -9.97 -23.83
C MET A 68 26.09 -9.51 -23.75
N VAL A 69 26.88 -9.78 -24.79
CA VAL A 69 28.27 -9.34 -24.82
C VAL A 69 28.36 -7.81 -24.79
N GLY A 70 27.52 -7.15 -25.59
CA GLY A 70 27.54 -5.69 -25.60
C GLY A 70 27.19 -5.10 -24.24
N LEU A 71 26.12 -5.60 -23.63
CA LEU A 71 25.72 -5.10 -22.31
C LEU A 71 26.81 -5.38 -21.27
N LEU A 72 27.42 -6.56 -21.33
CA LEU A 72 28.46 -6.90 -20.36
C LEU A 72 29.65 -5.96 -20.49
N LEU A 73 30.09 -5.68 -21.72
CA LEU A 73 31.22 -4.78 -21.91
C LEU A 73 30.89 -3.39 -21.39
N ASN A 74 29.71 -2.87 -21.73
CA ASN A 74 29.34 -1.54 -21.29
C ASN A 74 29.28 -1.46 -19.77
N VAL A 75 28.67 -2.47 -19.14
CA VAL A 75 28.53 -2.46 -17.68
C VAL A 75 29.88 -2.54 -17.00
N LEU A 76 30.77 -3.42 -17.48
CA LEU A 76 32.08 -3.55 -16.85
C LEU A 76 32.89 -2.26 -16.97
N SER A 77 32.89 -1.64 -18.15
CA SER A 77 33.66 -0.42 -18.32
C SER A 77 33.12 0.71 -17.44
N THR A 78 31.79 0.88 -17.42
CA THR A 78 31.22 1.93 -16.59
C THR A 78 31.46 1.65 -15.11
N LEU A 79 31.42 0.39 -14.71
CA LEU A 79 31.70 0.03 -13.32
C LEU A 79 33.13 0.40 -12.93
N ILE A 80 34.08 0.15 -13.83
CA ILE A 80 35.47 0.54 -13.56
C ILE A 80 35.56 2.05 -13.39
N LEU A 81 34.95 2.80 -14.31
CA LEU A 81 35.01 4.27 -14.22
C LEU A 81 34.38 4.76 -12.92
N VAL A 82 33.26 4.17 -12.51
CA VAL A 82 32.62 4.56 -11.26
C VAL A 82 33.51 4.24 -10.07
N CYS A 83 34.15 3.07 -10.08
CA CYS A 83 35.00 2.69 -8.97
C CYS A 83 36.17 3.64 -8.79
N TYR A 84 36.77 4.10 -9.90
CA TYR A 84 37.82 5.11 -9.74
C TYR A 84 37.31 6.51 -9.47
N CYS A 85 36.01 6.78 -9.59
CA CYS A 85 35.45 8.11 -9.32
C CYS A 85 34.18 8.02 -8.48
N PRO A 86 34.29 7.62 -7.22
CA PRO A 86 33.14 7.78 -6.31
C PRO A 86 32.83 9.25 -6.10
N THR A 87 31.54 9.54 -5.90
CA THR A 87 31.04 10.88 -5.59
C THR A 87 31.13 11.80 -6.80
N ALA A 88 31.74 11.32 -7.88
CA ALA A 88 31.81 12.04 -9.15
C ALA A 88 32.39 13.44 -8.99
N THR A 89 33.53 13.53 -8.28
CA THR A 89 34.22 14.80 -8.15
C THR A 89 35.74 14.70 -8.24
N GLU A 90 36.30 13.51 -8.43
CA GLU A 90 37.74 13.35 -8.57
C GLU A 90 38.10 13.13 -10.03
N GLY A 91 39.38 12.88 -10.30
CA GLY A 91 39.85 12.67 -11.66
C GLY A 91 40.21 11.23 -11.96
N ALA A 92 40.21 10.88 -13.24
CA ALA A 92 40.50 9.53 -13.69
C ALA A 92 41.52 9.58 -14.82
N PRO A 93 42.31 8.52 -14.99
CA PRO A 93 43.30 8.48 -16.07
C PRO A 93 42.61 8.30 -17.42
N PHE A 94 43.42 8.43 -18.49
CA PHE A 94 42.88 8.26 -19.84
C PHE A 94 42.45 6.82 -20.09
N TRP A 95 42.97 5.88 -19.30
CA TRP A 95 42.61 4.48 -19.43
C TRP A 95 41.10 4.28 -19.33
N THR A 96 40.49 4.80 -18.25
CA THR A 96 39.08 4.58 -18.00
C THR A 96 38.22 5.24 -19.08
N TYR A 97 38.56 6.48 -19.46
CA TYR A 97 37.76 7.18 -20.46
C TYR A 97 37.84 6.51 -21.82
N LEU A 98 39.04 6.06 -22.20
CA LEU A 98 39.18 5.35 -23.47
C LEU A 98 38.39 4.04 -23.45
N LEU A 99 38.45 3.31 -22.33
CA LEU A 99 37.68 2.07 -22.23
C LEU A 99 36.19 2.36 -22.31
N CYS A 100 35.73 3.44 -21.69
CA CYS A 100 34.31 3.77 -21.74
C CYS A 100 33.86 4.11 -23.15
N ALA A 101 34.66 4.90 -23.87
CA ALA A 101 34.30 5.24 -25.24
C ALA A 101 34.27 3.98 -26.13
N ILE A 102 35.27 3.12 -25.98
CA ILE A 102 35.30 1.89 -26.77
C ILE A 102 34.10 1.01 -26.45
N GLY A 103 33.77 0.88 -25.16
CA GLY A 103 32.64 0.06 -24.77
C GLY A 103 31.31 0.59 -25.32
N LEU A 104 31.11 1.91 -25.26
CA LEU A 104 29.87 2.49 -25.78
C LEU A 104 29.77 2.29 -27.29
N PHE A 105 30.88 2.52 -28.01
CA PHE A 105 30.85 2.33 -29.46
C PHE A 105 30.57 0.88 -29.82
N VAL A 106 31.20 -0.06 -29.12
CA VAL A 106 30.96 -1.48 -29.36
C VAL A 106 29.53 -1.85 -29.02
N TYR A 107 28.97 -1.28 -27.96
CA TYR A 107 27.58 -1.55 -27.61
C TYR A 107 26.63 -1.12 -28.72
N GLN A 108 26.81 0.10 -29.23
CA GLN A 108 25.95 0.56 -30.32
C GLN A 108 26.11 -0.31 -31.56
N SER A 109 27.36 -0.64 -31.90
CA SER A 109 27.60 -1.46 -33.09
C SER A 109 26.93 -2.82 -32.95
N LEU A 110 27.08 -3.47 -31.78
CA LEU A 110 26.50 -4.79 -31.60
C LEU A 110 24.98 -4.73 -31.57
N ASP A 111 24.41 -3.65 -31.04
CA ASP A 111 22.96 -3.47 -31.11
C ASP A 111 22.49 -3.47 -32.55
N ALA A 112 23.12 -2.65 -33.39
CA ALA A 112 22.72 -2.62 -34.80
C ALA A 112 22.91 -3.98 -35.46
N ILE A 113 24.05 -4.62 -35.19
CA ILE A 113 24.39 -5.85 -35.90
C ILE A 113 23.46 -7.00 -35.50
N ASP A 114 23.18 -7.14 -34.20
CA ASP A 114 22.33 -8.27 -33.82
C ASP A 114 20.89 -8.01 -34.21
N GLY A 115 20.47 -6.73 -34.25
CA GLY A 115 19.17 -6.44 -34.84
C GLY A 115 19.09 -6.89 -36.29
N LYS A 116 20.09 -6.54 -37.09
CA LYS A 116 20.09 -6.93 -38.50
C LYS A 116 20.15 -8.45 -38.66
N GLN A 117 21.00 -9.11 -37.87
CA GLN A 117 21.17 -10.55 -38.01
C GLN A 117 19.97 -11.33 -37.51
N ALA A 118 19.22 -10.77 -36.55
CA ALA A 118 17.98 -11.40 -36.12
C ALA A 118 16.87 -11.18 -37.14
N ARG A 119 16.86 -10.03 -37.81
CA ARG A 119 15.83 -9.78 -38.82
C ARG A 119 15.95 -10.76 -39.99
N ARG A 120 17.16 -11.23 -40.28
CA ARG A 120 17.34 -12.24 -41.32
C ARG A 120 17.55 -13.60 -40.69
N THR A 121 17.61 -14.62 -41.55
CA THR A 121 17.86 -16.00 -41.15
C THR A 121 16.85 -16.49 -40.12
N ASN A 122 15.60 -16.04 -40.25
CA ASN A 122 14.42 -16.49 -39.51
C ASN A 122 14.71 -16.88 -38.05
N SER A 123 15.46 -16.05 -37.34
CA SER A 123 15.75 -16.26 -35.94
C SER A 123 15.00 -15.32 -35.02
N SER A 124 14.07 -14.53 -35.57
CA SER A 124 13.32 -13.58 -34.76
C SER A 124 12.38 -14.30 -33.81
N SER A 125 12.25 -13.77 -32.61
CA SER A 125 11.38 -14.33 -31.58
C SER A 125 10.97 -13.23 -30.63
N PRO A 126 9.83 -13.37 -29.95
CA PRO A 126 9.41 -12.34 -29.00
C PRO A 126 10.37 -12.15 -27.83
N LEU A 127 11.18 -13.14 -27.52
CA LEU A 127 12.14 -12.99 -26.42
C LEU A 127 13.28 -12.05 -26.79
N GLY A 128 13.58 -11.94 -28.08
CA GLY A 128 14.65 -11.05 -28.51
C GLY A 128 14.35 -9.59 -28.21
N GLU A 129 13.11 -9.16 -28.44
CA GLU A 129 12.73 -7.78 -28.14
C GLU A 129 12.79 -7.52 -26.64
N MET A 130 12.38 -8.51 -25.84
CA MET A 130 12.47 -8.38 -24.39
C MET A 130 13.92 -8.19 -23.94
N PHE A 131 14.83 -9.01 -24.49
CA PHE A 131 16.24 -8.86 -24.18
C PHE A 131 16.75 -7.48 -24.61
N ASP A 132 16.34 -7.04 -25.80
CA ASP A 132 16.80 -5.74 -26.30
C ASP A 132 16.37 -4.62 -25.36
N HIS A 133 15.12 -4.64 -24.91
CA HIS A 133 14.61 -3.56 -24.07
C HIS A 133 15.25 -3.58 -22.67
N GLY A 134 15.41 -4.77 -22.09
CA GLY A 134 16.08 -4.85 -20.80
C GLY A 134 17.52 -4.37 -20.87
N CYS A 135 18.24 -4.79 -21.92
CA CYS A 135 19.61 -4.33 -22.11
C CYS A 135 19.65 -2.82 -22.30
N ASP A 136 18.68 -2.26 -23.02
CA ASP A 136 18.64 -0.82 -23.20
C ASP A 136 18.45 -0.09 -21.87
N SER A 137 17.58 -0.61 -21.02
CA SER A 137 17.37 0.01 -19.71
C SER A 137 18.65 0.04 -18.89
N ILE A 138 19.27 -1.14 -18.74
CA ILE A 138 20.49 -1.21 -17.92
C ILE A 138 21.58 -0.33 -18.53
N SER A 139 21.72 -0.37 -19.86
CA SER A 139 22.76 0.39 -20.52
C SER A 139 22.55 1.89 -20.36
N ILE A 140 21.32 2.38 -20.44
CA ILE A 140 21.11 3.81 -20.30
C ILE A 140 21.40 4.26 -18.87
N VAL A 141 21.05 3.43 -17.88
CA VAL A 141 21.38 3.78 -16.49
C VAL A 141 22.90 3.90 -16.34
N PHE A 142 23.64 2.91 -16.83
CA PHE A 142 25.09 2.93 -16.65
C PHE A 142 25.74 4.04 -17.45
N VAL A 143 25.21 4.34 -18.64
CA VAL A 143 25.75 5.44 -19.45
C VAL A 143 25.56 6.77 -18.74
N ASN A 144 24.40 6.98 -18.12
CA ASN A 144 24.20 8.23 -17.41
C ASN A 144 25.12 8.34 -16.20
N LEU A 145 25.34 7.23 -15.49
CA LEU A 145 26.33 7.27 -14.41
C LEU A 145 27.72 7.61 -14.94
N GLY A 146 28.12 7.00 -16.06
CA GLY A 146 29.43 7.28 -16.60
C GLY A 146 29.60 8.73 -17.03
N THR A 147 28.59 9.31 -17.68
CA THR A 147 28.71 10.69 -18.13
C THR A 147 28.60 11.67 -16.97
N ILE A 148 27.95 11.27 -15.87
CA ILE A 148 27.99 12.10 -14.67
C ILE A 148 29.39 12.08 -14.05
N ALA A 149 29.99 10.89 -13.96
CA ALA A 149 31.30 10.78 -13.32
C ALA A 149 32.38 11.47 -14.14
N ALA A 150 32.32 11.37 -15.47
CA ALA A 150 33.40 11.90 -16.31
C ALA A 150 33.47 13.42 -16.25
N VAL A 151 32.31 14.10 -16.32
CA VAL A 151 32.30 15.55 -16.38
C VAL A 151 32.69 16.17 -15.04
N ARG A 152 32.70 15.37 -13.97
CA ARG A 152 32.94 15.85 -12.61
C ARG A 152 31.89 16.87 -12.21
N LEU A 153 30.63 16.44 -12.28
CA LEU A 153 29.49 17.28 -11.90
C LEU A 153 29.17 17.11 -10.42
N GLY A 154 30.18 17.29 -9.59
CA GLY A 154 30.00 17.28 -8.15
C GLY A 154 30.15 18.68 -7.59
N THR A 155 30.67 19.59 -8.41
CA THR A 155 30.80 20.99 -8.04
C THR A 155 29.50 21.75 -8.16
N LEU A 156 28.45 21.14 -8.70
CA LEU A 156 27.14 21.76 -8.84
C LEU A 156 26.12 20.82 -8.20
N PRO A 157 26.05 20.78 -6.88
CA PRO A 157 25.16 19.82 -6.21
C PRO A 157 23.68 20.04 -6.51
N GLY A 158 23.28 21.23 -6.96
CA GLY A 158 21.89 21.45 -7.30
C GLY A 158 21.43 20.63 -8.49
N TRP A 159 22.26 20.56 -9.53
CA TRP A 159 21.92 19.82 -10.75
C TRP A 159 22.54 18.42 -10.72
N MET A 160 22.18 17.64 -9.72
CA MET A 160 22.77 16.30 -9.69
C MET A 160 21.74 15.19 -9.55
N PHE A 161 20.67 15.43 -8.78
CA PHE A 161 19.51 14.53 -8.80
C PHE A 161 18.87 14.52 -10.19
N TYR A 162 18.75 15.71 -10.77
CA TYR A 162 17.96 15.89 -11.99
C TYR A 162 18.50 15.04 -13.14
N CYS A 163 19.83 15.04 -13.32
CA CYS A 163 20.40 14.37 -14.49
C CYS A 163 20.08 12.88 -14.51
N CYS A 164 20.53 12.15 -13.49
CA CYS A 164 20.33 10.72 -13.45
C CYS A 164 18.84 10.37 -13.46
N PHE A 165 18.06 11.04 -12.61
CA PHE A 165 16.68 10.60 -12.55
C PHE A 165 15.86 11.07 -13.74
N VAL A 166 16.32 12.06 -14.50
CA VAL A 166 15.59 12.43 -15.70
C VAL A 166 15.95 11.50 -16.83
N GLY A 167 17.16 10.95 -16.85
CA GLY A 167 17.45 9.88 -17.80
C GLY A 167 16.54 8.67 -17.56
N MET A 168 16.43 8.26 -16.30
CA MET A 168 15.54 7.15 -15.95
C MET A 168 14.10 7.46 -16.36
N PHE A 169 13.63 8.67 -16.01
CA PHE A 169 12.26 9.08 -16.30
C PHE A 169 11.98 9.12 -17.79
N MET A 170 12.94 9.61 -18.59
CA MET A 170 12.73 9.65 -20.03
C MET A 170 12.65 8.26 -20.64
N PHE A 171 13.50 7.33 -20.21
CA PHE A 171 13.36 5.98 -20.76
C PHE A 171 12.01 5.38 -20.39
N TYR A 172 11.58 5.55 -19.13
CA TYR A 172 10.27 5.02 -18.76
C TYR A 172 9.15 5.68 -19.54
N CYS A 173 9.25 6.98 -19.80
CA CYS A 173 8.21 7.66 -20.57
C CYS A 173 8.17 7.20 -22.01
N ALA A 174 9.33 6.91 -22.61
CA ALA A 174 9.32 6.34 -23.96
C ALA A 174 8.61 5.01 -23.98
N GLN A 175 8.92 4.14 -23.01
CA GLN A 175 8.22 2.86 -22.93
C GLN A 175 6.72 3.06 -22.71
N TRP A 176 6.36 4.03 -21.87
CA TRP A 176 4.97 4.24 -21.51
C TRP A 176 4.15 4.77 -22.69
N GLN A 177 4.72 5.68 -23.48
CA GLN A 177 4.00 6.13 -24.67
C GLN A 177 3.95 5.03 -25.72
N THR A 178 4.94 4.13 -25.73
CA THR A 178 4.80 2.94 -26.56
C THR A 178 3.64 2.06 -26.09
N TYR A 179 3.39 2.05 -24.78
CA TYR A 179 2.26 1.27 -24.25
C TYR A 179 0.93 1.80 -24.77
N VAL A 180 0.77 3.12 -24.84
CA VAL A 180 -0.48 3.73 -25.27
C VAL A 180 -0.75 3.51 -26.76
N CYS A 181 0.27 3.19 -27.54
CA CYS A 181 0.12 2.98 -28.98
C CYS A 181 0.59 1.57 -29.31
N GLY A 182 0.74 1.29 -30.59
CA GLY A 182 1.16 -0.04 -31.01
C GLY A 182 2.50 -0.07 -31.72
N THR A 183 2.99 1.10 -32.13
CA THR A 183 4.22 1.19 -32.91
C THR A 183 5.19 2.15 -32.24
N LEU A 184 6.48 1.82 -32.31
CA LEU A 184 7.51 2.72 -31.83
C LEU A 184 7.64 3.91 -32.77
N LYS A 185 7.70 5.11 -32.19
CA LYS A 185 7.87 6.34 -32.95
C LYS A 185 9.25 6.92 -32.64
N PHE A 186 10.06 7.11 -33.68
CA PHE A 186 11.41 7.61 -33.55
C PHE A 186 11.48 9.05 -34.02
N GLY A 187 12.08 9.92 -33.21
CA GLY A 187 12.24 11.31 -33.53
C GLY A 187 13.53 11.59 -34.27
N ILE A 188 14.04 12.80 -34.10
CA ILE A 188 15.27 13.24 -34.74
C ILE A 188 16.42 13.43 -33.77
N ILE A 189 16.16 13.36 -32.46
CA ILE A 189 17.18 13.57 -31.43
C ILE A 189 17.25 12.29 -30.60
N ASP A 190 17.08 11.15 -31.25
CA ASP A 190 16.92 9.87 -30.56
C ASP A 190 18.28 9.37 -30.05
N VAL A 191 18.30 8.10 -29.65
CA VAL A 191 19.42 7.54 -28.88
C VAL A 191 20.72 7.60 -29.66
N THR A 192 20.67 7.55 -30.99
CA THR A 192 21.90 7.50 -31.78
C THR A 192 22.74 8.76 -31.57
N GLU A 193 22.11 9.94 -31.66
CA GLU A 193 22.84 11.19 -31.45
C GLU A 193 23.36 11.30 -30.03
N LEU A 194 22.56 10.87 -29.05
CA LEU A 194 23.01 10.89 -27.66
C LEU A 194 24.26 10.04 -27.48
N GLN A 195 24.25 8.82 -28.02
CA GLN A 195 25.41 7.94 -27.87
C GLN A 195 26.63 8.49 -28.59
N ILE A 196 26.43 9.06 -29.79
CA ILE A 196 27.56 9.63 -30.52
C ILE A 196 28.16 10.80 -29.74
N SER A 197 27.31 11.68 -29.21
CA SER A 197 27.79 12.81 -28.43
C SER A 197 28.53 12.37 -27.19
N VAL A 198 28.00 11.36 -26.48
CA VAL A 198 28.67 10.89 -25.28
C VAL A 198 30.01 10.26 -25.61
N THR A 199 30.08 9.50 -26.72
CA THR A 199 31.34 8.90 -27.12
C THR A 199 32.38 9.96 -27.47
N VAL A 200 31.99 10.96 -28.25
CA VAL A 200 32.95 12.00 -28.63
C VAL A 200 33.35 12.83 -27.41
N MET A 201 32.45 13.01 -26.45
CA MET A 201 32.79 13.74 -25.24
C MET A 201 33.78 12.94 -24.38
N PHE A 202 33.58 11.63 -24.29
CA PHE A 202 34.55 10.79 -23.57
C PHE A 202 35.91 10.85 -24.23
N LEU A 203 35.95 10.76 -25.57
CA LEU A 203 37.23 10.84 -26.28
C LEU A 203 37.91 12.19 -26.05
N MET A 204 37.13 13.28 -26.12
CA MET A 204 37.69 14.61 -25.92
C MET A 204 38.22 14.78 -24.50
N THR A 205 37.48 14.27 -23.50
CA THR A 205 37.96 14.34 -22.12
C THR A 205 39.24 13.53 -21.95
N ALA A 206 39.31 12.35 -22.58
CA ALA A 206 40.51 11.53 -22.46
C ALA A 206 41.72 12.23 -23.09
N VAL A 207 41.54 12.81 -24.27
CA VAL A 207 42.68 13.41 -24.97
C VAL A 207 43.11 14.71 -24.29
N CYS A 208 42.14 15.47 -23.75
CA CYS A 208 42.45 16.79 -23.19
C CYS A 208 42.63 16.78 -21.68
N GLY A 209 42.00 15.85 -20.97
CA GLY A 209 42.14 15.78 -19.53
C GLY A 209 40.86 16.15 -18.81
N PRO A 210 40.72 15.67 -17.57
CA PRO A 210 39.49 15.96 -16.81
C PRO A 210 39.29 17.43 -16.49
N GLU A 211 40.33 18.26 -16.60
CA GLU A 211 40.23 19.67 -16.28
C GLU A 211 39.67 20.50 -17.43
N LEU A 212 39.31 19.86 -18.55
CA LEU A 212 38.76 20.60 -19.67
C LEU A 212 37.47 21.32 -19.30
N TRP A 213 36.67 20.72 -18.42
CA TRP A 213 35.44 21.34 -17.95
C TRP A 213 35.68 22.40 -16.90
N ASP A 214 36.93 22.68 -16.56
CA ASP A 214 37.33 23.77 -15.69
C ASP A 214 38.10 24.81 -16.50
N TYR A 215 37.62 25.10 -17.70
CA TYR A 215 38.23 26.02 -18.65
C TYR A 215 37.23 27.10 -18.98
N GLU A 216 36.67 27.71 -17.93
CA GLU A 216 35.56 28.66 -17.99
C GLU A 216 35.62 29.57 -19.22
N ILE A 217 34.50 29.61 -19.94
CA ILE A 217 34.41 30.31 -21.23
C ILE A 217 34.50 31.81 -20.99
N PRO A 218 35.35 32.54 -21.74
CA PRO A 218 35.68 33.94 -21.40
C PRO A 218 34.49 34.86 -21.12
N PHE A 219 33.28 34.47 -21.49
CA PHE A 219 32.09 35.29 -21.29
C PHE A 219 31.04 34.53 -20.52
N THR A 220 30.02 35.27 -20.07
CA THR A 220 28.79 34.82 -19.41
C THR A 220 29.06 34.41 -17.96
N GLY A 221 30.33 34.32 -17.54
CA GLY A 221 30.74 33.96 -16.18
C GLY A 221 30.29 32.56 -15.78
N LEU A 222 30.08 31.65 -16.74
CA LEU A 222 29.67 30.28 -16.46
C LEU A 222 30.76 29.30 -16.89
N PRO A 223 30.89 28.16 -16.18
CA PRO A 223 31.89 27.16 -16.59
C PRO A 223 31.48 26.41 -17.85
N MET A 224 32.38 25.54 -18.33
CA MET A 224 32.10 24.84 -19.59
C MET A 224 31.07 23.73 -19.42
N LYS A 225 30.89 23.23 -18.20
CA LYS A 225 29.93 22.15 -17.98
C LYS A 225 28.50 22.58 -18.27
N THR A 226 28.23 23.89 -18.35
CA THR A 226 26.91 24.35 -18.75
C THR A 226 26.60 24.06 -20.21
N ILE A 227 27.64 23.92 -21.05
CA ILE A 227 27.40 23.67 -22.48
C ILE A 227 26.65 22.36 -22.71
N PRO A 228 27.06 21.21 -22.13
CA PRO A 228 26.24 20.00 -22.30
C PRO A 228 24.89 20.12 -21.59
N LEU A 229 24.92 20.47 -20.30
CA LEU A 229 23.74 20.40 -19.46
C LEU A 229 22.56 21.13 -20.07
N LEU A 230 22.76 22.41 -20.42
CA LEU A 230 21.70 23.19 -21.05
C LEU A 230 21.13 22.45 -22.26
N GLY A 231 22.01 22.01 -23.15
CA GLY A 231 21.54 21.26 -24.31
C GLY A 231 20.72 20.06 -23.91
N ILE A 232 21.21 19.31 -22.92
CA ILE A 232 20.46 18.15 -22.42
C ILE A 232 19.07 18.59 -22.00
N ILE A 233 19.00 19.67 -21.21
CA ILE A 233 17.71 20.18 -20.77
C ILE A 233 16.82 20.45 -21.97
N GLY A 234 17.37 21.14 -22.97
CA GLY A 234 16.61 21.38 -24.19
C GLY A 234 16.09 20.09 -24.78
N GLY A 235 16.98 19.13 -25.01
CA GLY A 235 16.56 17.85 -25.52
C GLY A 235 15.50 17.24 -24.64
N THR A 236 15.72 17.29 -23.32
CA THR A 236 14.72 16.85 -22.36
C THR A 236 13.34 17.35 -22.76
N VAL A 237 13.18 18.67 -22.80
CA VAL A 237 11.86 19.24 -23.07
C VAL A 237 11.32 18.68 -24.38
N TYR A 238 12.16 18.72 -25.42
CA TYR A 238 11.73 18.27 -26.73
C TYR A 238 11.18 16.85 -26.63
N SER A 239 11.96 15.94 -26.06
CA SER A 239 11.53 14.56 -25.95
C SER A 239 10.19 14.48 -25.23
N CYS A 240 10.12 15.12 -24.06
CA CYS A 240 8.89 15.07 -23.27
C CYS A 240 7.71 15.48 -24.13
N SER A 241 7.85 16.59 -24.85
CA SER A 241 6.77 17.08 -25.70
C SER A 241 6.20 15.94 -26.53
N ASN A 242 7.05 15.33 -27.36
CA ASN A 242 6.57 14.29 -28.25
C ASN A 242 5.85 13.21 -27.46
N TYR A 243 6.49 12.71 -26.42
CA TYR A 243 5.90 11.61 -25.65
C TYR A 243 4.53 12.00 -25.15
N PHE A 244 4.42 13.19 -24.55
CA PHE A 244 3.16 13.56 -23.92
C PHE A 244 2.05 13.67 -24.95
N ARG A 245 2.38 14.08 -26.18
CA ARG A 245 1.37 14.13 -27.22
C ARG A 245 0.79 12.75 -27.46
N VAL A 246 1.65 11.73 -27.60
CA VAL A 246 1.18 10.38 -27.80
C VAL A 246 0.40 9.90 -26.58
N ILE A 247 0.69 10.47 -25.40
CA ILE A 247 -0.07 10.09 -24.21
C ILE A 247 -1.51 10.58 -24.32
N LEU A 248 -1.72 11.75 -24.93
CA LEU A 248 -3.04 12.39 -24.94
C LEU A 248 -3.78 12.15 -26.25
N SER A 249 -3.18 12.51 -27.37
CA SER A 249 -3.86 12.38 -28.66
C SER A 249 -3.94 10.92 -29.10
N GLY A 250 -2.98 10.09 -28.70
CA GLY A 250 -2.90 8.73 -29.17
C GLY A 250 -3.97 7.83 -28.56
N GLY A 251 -4.54 6.97 -29.41
CA GLY A 251 -5.50 5.99 -28.96
C GLY A 251 -5.65 4.86 -29.96
N VAL A 252 -5.55 3.61 -29.50
CA VAL A 252 -5.60 2.46 -30.39
C VAL A 252 -6.72 1.48 -30.04
N GLY A 253 -7.15 1.41 -28.79
CA GLY A 253 -8.18 0.47 -28.41
C GLY A 253 -9.58 0.89 -28.83
N LYS A 254 -10.60 0.45 -28.09
CA LYS A 254 -11.97 0.85 -28.38
C LYS A 254 -12.17 2.34 -28.21
N ASN A 255 -11.28 3.01 -27.50
CA ASN A 255 -11.35 4.44 -27.25
C ASN A 255 -9.92 4.97 -27.23
N GLY A 256 -9.72 6.16 -26.66
CA GLY A 256 -8.40 6.72 -26.54
C GLY A 256 -7.55 6.02 -25.50
N SER A 257 -8.13 5.01 -24.84
CA SER A 257 -7.45 4.28 -23.78
C SER A 257 -6.32 3.44 -24.37
N THR A 258 -5.63 2.72 -23.48
CA THR A 258 -4.49 1.90 -23.89
C THR A 258 -4.95 0.68 -24.68
N VAL A 259 -3.98 0.00 -25.30
CA VAL A 259 -4.29 -1.18 -26.10
C VAL A 259 -4.84 -2.29 -25.23
N ALA A 260 -4.51 -2.29 -23.94
CA ALA A 260 -5.01 -3.31 -23.02
C ALA A 260 -6.40 -3.00 -22.49
N GLY A 261 -6.95 -1.82 -22.81
CA GLY A 261 -8.26 -1.44 -22.34
C GLY A 261 -8.29 -0.81 -20.96
N THR A 262 -7.14 -0.70 -20.29
CA THR A 262 -7.08 -0.10 -18.97
C THR A 262 -6.91 1.41 -19.09
N SER A 263 -6.66 2.05 -17.95
CA SER A 263 -6.55 3.50 -17.90
C SER A 263 -5.30 3.98 -18.64
N VAL A 264 -5.37 5.21 -19.15
CA VAL A 264 -4.27 5.78 -19.90
C VAL A 264 -3.07 6.09 -18.99
N LEU A 265 -3.33 6.53 -17.76
CA LEU A 265 -2.30 7.07 -16.88
C LEU A 265 -2.03 6.15 -15.68
N SER A 266 -1.97 4.85 -15.90
CA SER A 266 -1.61 3.92 -14.83
C SER A 266 -0.10 3.86 -14.60
N PRO A 267 0.75 3.71 -15.64
CA PRO A 267 2.20 3.69 -15.39
C PRO A 267 2.75 4.99 -14.82
N GLY A 268 2.04 6.10 -15.03
CA GLY A 268 2.45 7.35 -14.42
C GLY A 268 2.51 7.25 -12.91
N LEU A 269 1.56 6.50 -12.32
CA LEU A 269 1.58 6.29 -10.88
C LEU A 269 2.83 5.54 -10.45
N HIS A 270 3.22 4.51 -11.19
CA HIS A 270 4.43 3.76 -10.85
C HIS A 270 5.67 4.65 -10.88
N ILE A 271 5.84 5.37 -11.99
CA ILE A 271 7.06 6.18 -12.11
C ILE A 271 7.05 7.33 -11.11
N GLY A 272 5.88 7.93 -10.87
CA GLY A 272 5.79 8.98 -9.88
C GLY A 272 6.07 8.49 -8.48
N LEU A 273 5.58 7.29 -8.14
CA LEU A 273 5.88 6.71 -6.83
C LEU A 273 7.37 6.51 -6.67
N VAL A 274 8.04 5.95 -7.68
CA VAL A 274 9.48 5.70 -7.58
C VAL A 274 10.23 7.00 -7.39
N LEU A 275 9.99 7.98 -8.26
CA LEU A 275 10.74 9.24 -8.18
C LEU A 275 10.42 10.02 -6.92
N LEU A 276 9.14 10.08 -6.53
CA LEU A 276 8.76 10.79 -5.33
C LEU A 276 9.36 10.16 -4.09
N LEU A 277 9.37 8.82 -4.01
CA LEU A 277 9.98 8.15 -2.87
C LEU A 277 11.48 8.40 -2.82
N ALA A 278 12.14 8.39 -3.98
CA ALA A 278 13.57 8.70 -4.02
C ALA A 278 13.82 10.12 -3.52
N LEU A 279 13.03 11.09 -3.99
CA LEU A 279 13.20 12.48 -3.56
C LEU A 279 12.92 12.64 -2.07
N MET A 280 11.91 11.93 -1.57
CA MET A 280 11.55 12.06 -0.16
C MET A 280 12.62 11.47 0.75
N ILE A 281 13.23 10.36 0.34
CA ILE A 281 14.35 9.83 1.12
C ILE A 281 15.56 10.75 1.00
N TYR A 282 15.79 11.34 -0.18
CA TYR A 282 16.93 12.23 -0.36
C TYR A 282 16.82 13.49 0.50
N LYS A 283 15.62 14.07 0.59
CA LYS A 283 15.48 15.38 1.22
C LYS A 283 15.48 15.32 2.74
N LYS A 284 15.44 14.14 3.35
CA LYS A 284 15.40 14.01 4.80
C LYS A 284 16.44 13.00 5.28
N SER A 285 17.61 13.02 4.65
CA SER A 285 18.65 12.08 5.01
C SER A 285 19.34 12.44 6.31
N THR A 286 19.54 13.73 6.56
CA THR A 286 20.19 14.31 7.74
C THR A 286 21.67 13.95 7.84
N THR A 287 22.21 13.15 6.90
CA THR A 287 23.63 12.79 6.93
C THR A 287 24.26 12.85 5.55
N ASN A 288 23.68 13.60 4.61
CA ASN A 288 24.17 13.70 3.24
C ASN A 288 24.28 12.32 2.61
N LEU A 289 23.15 11.62 2.55
CA LEU A 289 23.13 10.27 2.01
C LEU A 289 23.43 10.27 0.51
N PHE A 290 22.86 11.21 -0.23
CA PHE A 290 22.99 11.19 -1.68
C PHE A 290 24.25 11.90 -2.15
N LEU A 291 24.56 13.08 -1.60
CA LEU A 291 25.71 13.83 -2.06
C LEU A 291 27.03 13.18 -1.68
N GLN A 292 27.01 12.18 -0.80
CA GLN A 292 28.21 11.44 -0.44
C GLN A 292 28.29 10.06 -1.07
N ASN A 293 27.15 9.45 -1.39
CA ASN A 293 27.10 8.15 -2.05
C ASN A 293 26.15 8.22 -3.24
N PRO A 294 26.53 8.94 -4.29
CA PRO A 294 25.61 9.08 -5.43
C PRO A 294 25.51 7.82 -6.27
N CYS A 295 26.62 7.11 -6.45
CA CYS A 295 26.61 5.93 -7.29
C CYS A 295 25.75 4.81 -6.71
N LEU A 296 25.86 4.58 -5.39
CA LEU A 296 25.05 3.54 -4.76
C LEU A 296 23.56 3.88 -4.82
N TYR A 297 23.22 5.13 -4.50
CA TYR A 297 21.84 5.59 -4.57
C TYR A 297 21.27 5.40 -5.97
N THR A 298 22.02 5.87 -6.98
CA THR A 298 21.55 5.79 -8.35
C THR A 298 21.44 4.35 -8.81
N LEU A 299 22.37 3.48 -8.39
CA LEU A 299 22.31 2.08 -8.81
C LEU A 299 21.12 1.36 -8.19
N ALA A 300 20.86 1.58 -6.91
CA ALA A 300 19.72 0.94 -6.28
C ALA A 300 18.42 1.36 -6.95
N PHE A 301 18.21 2.68 -7.10
CA PHE A 301 16.97 3.12 -7.72
C PHE A 301 16.93 2.80 -9.20
N GLY A 302 18.09 2.66 -9.86
CA GLY A 302 18.11 2.23 -11.24
C GLY A 302 17.70 0.79 -11.42
N PHE A 303 18.11 -0.09 -10.50
CA PHE A 303 17.63 -1.46 -10.55
C PHE A 303 16.12 -1.51 -10.32
N VAL A 304 15.62 -0.72 -9.37
CA VAL A 304 14.17 -0.67 -9.15
C VAL A 304 13.45 -0.23 -10.43
N SER A 305 13.92 0.86 -11.04
CA SER A 305 13.29 1.39 -12.24
C SER A 305 13.44 0.43 -13.41
N ALA A 306 14.55 -0.31 -13.49
CA ALA A 306 14.73 -1.27 -14.57
C ALA A 306 13.72 -2.41 -14.45
N LYS A 307 13.49 -2.92 -13.25
CA LYS A 307 12.46 -3.94 -13.09
C LYS A 307 11.09 -3.39 -13.44
N ILE A 308 10.78 -2.17 -12.99
CA ILE A 308 9.49 -1.58 -13.30
C ILE A 308 9.32 -1.40 -14.81
N THR A 309 10.38 -1.02 -15.52
CA THR A 309 10.30 -0.84 -16.96
C THR A 309 10.18 -2.17 -17.70
N ILE A 310 10.87 -3.21 -17.23
CA ILE A 310 10.72 -4.52 -17.84
C ILE A 310 9.30 -5.03 -17.67
N LYS A 311 8.67 -4.75 -16.53
CA LYS A 311 7.27 -5.14 -16.34
C LYS A 311 6.38 -4.49 -17.39
N LEU A 312 6.57 -3.20 -17.65
CA LEU A 312 5.78 -2.53 -18.67
C LEU A 312 6.09 -3.06 -20.06
N VAL A 313 7.35 -3.41 -20.32
CA VAL A 313 7.70 -4.00 -21.62
C VAL A 313 6.93 -5.29 -21.84
N ILE A 314 6.91 -6.16 -20.82
CA ILE A 314 6.16 -7.40 -20.93
C ILE A 314 4.67 -7.12 -21.06
N ALA A 315 4.17 -6.11 -20.36
CA ALA A 315 2.75 -5.79 -20.43
C ALA A 315 2.33 -5.34 -21.83
N HIS A 316 3.14 -4.49 -22.47
CA HIS A 316 2.75 -3.99 -23.77
C HIS A 316 3.13 -4.94 -24.91
N MET A 317 4.01 -5.92 -24.65
CA MET A 317 4.16 -7.02 -25.60
C MET A 317 2.88 -7.84 -25.68
N THR A 318 2.31 -8.16 -24.53
CA THR A 318 1.01 -8.82 -24.46
C THR A 318 -0.06 -7.72 -24.38
N LYS A 319 -1.28 -8.07 -24.01
CA LYS A 319 -2.35 -7.08 -23.84
C LYS A 319 -2.88 -7.09 -22.40
N SER A 320 -2.06 -7.50 -21.45
CA SER A 320 -2.49 -7.66 -20.07
C SER A 320 -2.43 -6.33 -19.33
N GLU A 321 -2.62 -6.37 -18.01
CA GLU A 321 -2.70 -5.17 -17.18
C GLU A 321 -1.66 -5.24 -16.07
N ILE A 322 -1.14 -4.07 -15.70
CA ILE A 322 -0.14 -3.96 -14.66
C ILE A 322 -0.79 -3.48 -13.37
N SER A 323 -0.16 -3.82 -12.25
CA SER A 323 -0.58 -3.42 -10.92
C SER A 323 0.48 -2.52 -10.29
N LEU A 324 0.14 -1.97 -9.12
CA LEU A 324 1.02 -1.07 -8.38
C LEU A 324 1.49 -1.74 -7.09
N GLN A 325 1.63 -3.06 -7.11
CA GLN A 325 2.06 -3.80 -5.93
C GLN A 325 3.12 -4.80 -6.38
N ASP A 326 4.37 -4.54 -6.02
CA ASP A 326 5.50 -5.32 -6.51
C ASP A 326 6.43 -5.65 -5.37
N THR A 327 7.15 -6.76 -5.51
CA THR A 327 8.21 -7.09 -4.56
C THR A 327 9.50 -6.43 -5.00
N ALA A 328 9.43 -5.14 -5.32
CA ALA A 328 10.60 -4.34 -5.68
C ALA A 328 10.76 -3.11 -4.82
N PHE A 329 9.72 -2.71 -4.08
CA PHE A 329 9.81 -1.62 -3.13
C PHE A 329 10.34 -2.08 -1.77
N ILE A 330 10.99 -3.24 -1.70
CA ILE A 330 11.56 -3.71 -0.46
C ILE A 330 12.69 -2.78 0.00
N GLY A 331 13.61 -2.46 -0.89
CA GLY A 331 14.73 -1.61 -0.56
C GLY A 331 14.31 -0.19 -0.18
N PRO A 332 13.55 0.46 -1.06
CA PRO A 332 12.98 1.77 -0.69
C PRO A 332 12.12 1.71 0.56
N GLY A 333 11.38 0.62 0.77
CA GLY A 333 10.61 0.50 1.99
C GLY A 333 11.48 0.45 3.24
N LEU A 334 12.58 -0.30 3.17
CA LEU A 334 13.51 -0.34 4.28
C LEU A 334 14.12 1.03 4.55
N LEU A 335 14.51 1.75 3.49
CA LEU A 335 15.04 3.10 3.69
C LEU A 335 14.01 4.02 4.33
N PHE A 336 12.77 3.98 3.83
CA PHE A 336 11.73 4.86 4.35
C PHE A 336 11.42 4.56 5.80
N PHE A 337 11.30 3.28 6.16
CA PHE A 337 10.96 2.91 7.53
C PHE A 337 12.14 3.01 8.48
N ASN A 338 13.36 3.01 7.98
CA ASN A 338 14.52 3.34 8.81
C ASN A 338 14.67 4.84 8.99
N GLN A 339 14.13 5.64 8.06
CA GLN A 339 14.08 7.08 8.27
C GLN A 339 12.95 7.50 9.20
N TYR A 340 11.82 6.77 9.19
CA TYR A 340 10.71 7.11 10.06
C TYR A 340 11.12 7.04 11.52
N PHE A 341 11.49 5.85 11.99
CA PHE A 341 12.23 5.75 13.24
C PHE A 341 13.53 6.54 13.09
N ASN A 342 13.92 7.25 14.15
CA ASN A 342 14.97 8.26 14.01
C ASN A 342 16.25 7.67 13.42
N SER A 343 16.94 6.81 14.18
CA SER A 343 18.07 6.07 13.64
C SER A 343 18.42 4.96 14.63
N PHE A 344 18.27 3.71 14.20
CA PHE A 344 18.84 2.57 14.91
C PHE A 344 19.81 1.78 14.06
N ILE A 345 19.78 1.97 12.75
CA ILE A 345 20.81 1.47 11.84
C ILE A 345 21.34 2.66 11.05
N ASP A 346 22.67 2.79 10.99
CA ASP A 346 23.27 3.90 10.27
C ASP A 346 22.92 3.82 8.79
N GLU A 347 22.73 4.98 8.16
CA GLU A 347 22.27 5.02 6.78
C GLU A 347 23.40 4.82 5.79
N TYR A 348 24.21 3.79 5.99
CA TYR A 348 25.19 3.37 5.01
C TYR A 348 25.18 1.88 4.74
N ILE A 349 24.75 1.06 5.70
CA ILE A 349 24.59 -0.37 5.44
C ILE A 349 23.21 -0.65 4.85
N VAL A 350 22.21 0.16 5.21
CA VAL A 350 20.86 -0.02 4.69
C VAL A 350 20.85 0.18 3.18
N LEU A 351 21.64 1.14 2.68
CA LEU A 351 21.73 1.35 1.24
C LEU A 351 22.32 0.14 0.53
N TRP A 352 23.36 -0.46 1.11
CA TRP A 352 23.95 -1.65 0.51
C TRP A 352 22.95 -2.81 0.51
N ILE A 353 22.22 -2.99 1.62
CA ILE A 353 21.21 -4.04 1.67
C ILE A 353 20.15 -3.82 0.60
N ALA A 354 19.70 -2.57 0.44
CA ALA A 354 18.69 -2.26 -0.55
C ALA A 354 19.20 -2.55 -1.96
N MET A 355 20.43 -2.16 -2.26
CA MET A 355 20.98 -2.42 -3.59
C MET A 355 21.08 -3.92 -3.86
N VAL A 356 21.57 -4.68 -2.88
CA VAL A 356 21.72 -6.12 -3.08
C VAL A 356 20.36 -6.77 -3.28
N ILE A 357 19.37 -6.37 -2.48
CA ILE A 357 18.02 -6.94 -2.60
C ILE A 357 17.44 -6.62 -3.97
N SER A 358 17.57 -5.37 -4.43
CA SER A 358 17.02 -5.00 -5.72
C SER A 358 17.69 -5.75 -6.86
N PHE A 359 19.02 -5.88 -6.80
CA PHE A 359 19.73 -6.60 -7.85
C PHE A 359 19.33 -8.07 -7.88
N ALA A 360 19.25 -8.71 -6.71
CA ALA A 360 18.86 -10.11 -6.66
C ALA A 360 17.44 -10.31 -7.18
N ASP A 361 16.53 -9.41 -6.81
CA ASP A 361 15.14 -9.53 -7.26
C ASP A 361 15.05 -9.38 -8.77
N LEU A 362 15.73 -8.37 -9.34
CA LEU A 362 15.69 -8.19 -10.79
C LEU A 362 16.29 -9.38 -11.52
N LEU A 363 17.42 -9.89 -11.04
CA LEU A 363 18.05 -11.04 -11.69
C LEU A 363 17.14 -12.26 -11.62
N ARG A 364 16.52 -12.51 -10.46
CA ARG A 364 15.62 -13.66 -10.33
C ARG A 364 14.44 -13.53 -11.28
N TYR A 365 13.85 -12.34 -11.36
CA TYR A 365 12.71 -12.14 -12.26
C TYR A 365 13.10 -12.40 -13.71
N CYS A 366 14.22 -11.81 -14.14
CA CYS A 366 14.65 -11.98 -15.53
C CYS A 366 14.95 -13.45 -15.84
N ILE A 367 15.66 -14.14 -14.94
CA ILE A 367 16.00 -15.52 -15.16
C ILE A 367 14.74 -16.38 -15.24
N SER A 368 13.79 -16.15 -14.34
CA SER A 368 12.56 -16.95 -14.34
C SER A 368 11.78 -16.76 -15.64
N VAL A 369 11.63 -15.51 -16.08
CA VAL A 369 10.87 -15.25 -17.30
C VAL A 369 11.58 -15.87 -18.51
N CYS A 370 12.89 -15.70 -18.59
CA CYS A 370 13.65 -16.27 -19.70
C CYS A 370 13.53 -17.79 -19.73
N LEU A 371 13.64 -18.43 -18.56
CA LEU A 371 13.53 -19.88 -18.51
C LEU A 371 12.14 -20.35 -18.92
N GLN A 372 11.09 -19.64 -18.48
CA GLN A 372 9.74 -20.05 -18.86
C GLN A 372 9.52 -19.92 -20.36
N ILE A 373 9.97 -18.82 -20.97
CA ILE A 373 9.80 -18.64 -22.40
C ILE A 373 10.61 -19.69 -23.16
N ALA A 374 11.84 -19.97 -22.72
CA ALA A 374 12.65 -20.97 -23.40
C ALA A 374 12.02 -22.35 -23.30
N THR A 375 11.46 -22.69 -22.13
CA THR A 375 10.79 -23.97 -21.97
C THR A 375 9.57 -24.08 -22.89
N HIS A 376 8.78 -23.01 -22.98
CA HIS A 376 7.58 -23.07 -23.80
C HIS A 376 7.91 -23.15 -25.28
N LEU A 377 8.72 -22.22 -25.78
CA LEU A 377 8.98 -22.12 -27.22
C LEU A 377 10.15 -22.98 -27.69
N ARG A 378 10.79 -23.73 -26.78
CA ARG A 378 11.94 -24.58 -27.07
C ARG A 378 12.92 -23.89 -28.02
N ILE A 379 13.41 -22.73 -27.58
CA ILE A 379 14.26 -21.87 -28.39
C ILE A 379 15.74 -22.15 -28.21
N SER A 380 16.17 -22.61 -27.03
CA SER A 380 17.59 -22.76 -26.69
C SER A 380 18.29 -21.40 -26.79
N VAL A 381 17.90 -20.53 -25.86
CA VAL A 381 18.14 -19.09 -25.88
C VAL A 381 19.54 -18.72 -26.39
N PHE A 382 20.56 -19.43 -25.93
CA PHE A 382 21.93 -19.15 -26.37
C PHE A 382 22.38 -20.04 -27.52
N ARG A 383 21.88 -21.27 -27.58
CA ARG A 383 22.17 -22.19 -28.68
C ARG A 383 23.66 -22.38 -28.91
N PRO B 20 -21.79 0.07 -4.61
CA PRO B 20 -21.21 -0.46 -3.38
C PRO B 20 -21.22 -1.98 -3.34
N LEU B 21 -22.31 -2.58 -3.85
CA LEU B 21 -22.48 -4.01 -3.88
C LEU B 21 -22.60 -4.45 -5.33
N SER B 22 -21.78 -5.44 -5.72
CA SER B 22 -21.82 -5.93 -7.08
C SER B 22 -23.09 -6.74 -7.32
N ALA B 23 -23.42 -6.94 -8.60
CA ALA B 23 -24.65 -7.65 -8.95
C ALA B 23 -24.63 -9.10 -8.48
N GLN B 24 -23.50 -9.79 -8.68
CA GLN B 24 -23.41 -11.18 -8.24
C GLN B 24 -23.45 -11.29 -6.72
N GLN B 25 -22.73 -10.42 -6.03
CA GLN B 25 -22.73 -10.44 -4.56
C GLN B 25 -24.11 -10.13 -4.01
N LEU B 26 -24.79 -9.14 -4.59
CA LEU B 26 -26.15 -8.83 -4.15
C LEU B 26 -27.10 -9.98 -4.43
N LYS B 27 -26.92 -10.65 -5.57
CA LYS B 27 -27.76 -11.81 -5.87
C LYS B 27 -27.53 -12.92 -4.84
N LYS B 28 -26.27 -13.17 -4.46
CA LYS B 28 -25.98 -14.14 -3.43
C LYS B 28 -26.43 -13.69 -2.05
N LEU B 29 -26.72 -12.39 -1.85
CA LEU B 29 -27.21 -11.93 -0.55
C LEU B 29 -28.54 -12.59 -0.20
N GLU B 30 -29.43 -12.73 -1.18
CA GLU B 30 -30.70 -13.40 -0.94
C GLU B 30 -30.47 -14.88 -0.61
N GLU B 31 -31.55 -15.54 -0.18
CA GLU B 31 -31.52 -16.94 0.22
C GLU B 31 -30.49 -17.17 1.33
N HIS B 32 -30.43 -16.23 2.27
CA HIS B 32 -29.53 -16.32 3.42
C HIS B 32 -30.36 -16.63 4.66
N LYS B 33 -29.94 -17.67 5.39
CA LYS B 33 -30.65 -18.12 6.59
C LYS B 33 -29.79 -17.81 7.81
N TYR B 34 -30.35 -17.03 8.73
CA TYR B 34 -29.64 -16.72 9.97
C TYR B 34 -29.63 -17.94 10.88
N SER B 35 -28.47 -18.24 11.47
CA SER B 35 -28.33 -19.39 12.35
C SER B 35 -27.34 -19.06 13.45
N ALA B 36 -27.68 -19.45 14.67
CA ALA B 36 -26.82 -19.24 15.82
C ALA B 36 -27.14 -20.29 16.88
N SER B 37 -26.10 -20.78 17.55
CA SER B 37 -26.26 -21.80 18.58
C SER B 37 -25.39 -21.45 19.77
N GLY B 38 -25.94 -21.59 20.96
CA GLY B 38 -25.23 -21.32 22.19
C GLY B 38 -26.16 -20.81 23.27
N ARG B 39 -25.68 -20.89 24.51
CA ARG B 39 -26.45 -20.45 25.66
C ARG B 39 -25.50 -20.16 26.81
N SER B 40 -25.86 -19.17 27.62
CA SER B 40 -25.07 -18.75 28.76
C SER B 40 -25.79 -19.09 30.06
N LEU B 41 -25.12 -18.78 31.18
CA LEU B 41 -25.68 -19.13 32.49
C LEU B 41 -26.93 -18.29 32.79
N VAL B 42 -26.84 -16.97 32.59
CA VAL B 42 -27.96 -16.09 32.92
C VAL B 42 -28.98 -15.98 31.80
N GLU B 43 -28.86 -16.82 30.76
CA GLU B 43 -29.79 -16.74 29.64
C GLU B 43 -31.24 -17.05 30.01
N PRO B 44 -31.56 -18.08 30.79
CA PRO B 44 -32.98 -18.41 31.05
C PRO B 44 -33.76 -17.29 31.72
N PRO B 45 -33.26 -16.71 32.82
CA PRO B 45 -34.08 -15.69 33.51
C PRO B 45 -34.29 -14.43 32.68
N MET B 46 -33.20 -13.90 32.10
CA MET B 46 -33.33 -12.74 31.24
C MET B 46 -34.18 -13.05 30.01
N GLN B 47 -34.12 -14.29 29.52
CA GLN B 47 -34.95 -14.71 28.40
C GLN B 47 -36.42 -14.65 28.77
N VAL B 48 -36.76 -15.12 29.96
CA VAL B 48 -38.15 -15.06 30.43
C VAL B 48 -38.59 -13.61 30.57
N TYR B 49 -37.72 -12.76 31.13
CA TYR B 49 -38.05 -11.34 31.27
C TYR B 49 -38.30 -10.69 29.92
N TRP B 50 -37.42 -10.94 28.95
CA TRP B 50 -37.56 -10.33 27.64
C TRP B 50 -38.82 -10.84 26.93
N ASN B 51 -39.14 -12.13 27.11
CA ASN B 51 -40.37 -12.66 26.53
C ASN B 51 -41.59 -11.97 27.13
N TRP B 52 -41.62 -11.81 28.46
CA TRP B 52 -42.73 -11.13 29.10
C TRP B 52 -42.85 -9.69 28.61
N LEU B 53 -41.71 -9.02 28.38
CA LEU B 53 -41.76 -7.63 27.96
C LEU B 53 -42.18 -7.53 26.48
N VAL B 54 -41.86 -8.53 25.66
CA VAL B 54 -42.24 -8.46 24.26
C VAL B 54 -43.70 -8.84 24.05
N GLU B 55 -44.31 -9.58 24.99
CA GLU B 55 -45.76 -9.73 24.92
C GLU B 55 -46.50 -8.40 25.09
N LYS B 56 -45.83 -7.35 25.57
CA LYS B 56 -46.51 -6.07 25.73
C LYS B 56 -45.87 -4.98 24.87
N VAL B 57 -45.58 -5.30 23.61
CA VAL B 57 -44.99 -4.35 22.66
C VAL B 57 -46.01 -4.09 21.57
N PRO B 58 -46.10 -2.86 21.04
CA PRO B 58 -47.00 -2.61 19.91
C PRO B 58 -46.62 -3.43 18.69
N LEU B 59 -47.64 -3.86 17.95
CA LEU B 59 -47.45 -4.75 16.80
C LEU B 59 -47.01 -4.01 15.54
N TRP B 60 -47.22 -2.70 15.46
CA TRP B 60 -46.95 -1.94 14.25
C TRP B 60 -45.56 -1.31 14.22
N LEU B 61 -44.72 -1.59 15.21
CA LEU B 61 -43.39 -1.00 15.28
C LEU B 61 -42.36 -1.92 14.62
N ALA B 62 -41.50 -1.32 13.79
CA ALA B 62 -40.45 -2.02 13.04
C ALA B 62 -39.20 -2.20 13.89
N PRO B 63 -38.51 -3.33 13.75
CA PRO B 63 -37.31 -3.58 14.57
C PRO B 63 -36.18 -2.58 14.33
N ASN B 64 -36.06 -2.07 13.10
CA ASN B 64 -34.98 -1.13 12.79
C ASN B 64 -35.09 0.12 13.64
N THR B 65 -36.31 0.63 13.82
CA THR B 65 -36.50 1.78 14.70
C THR B 65 -36.08 1.46 16.12
N ILE B 66 -36.38 0.24 16.57
CA ILE B 66 -36.04 -0.14 17.95
C ILE B 66 -34.53 -0.15 18.14
N THR B 67 -33.79 -0.80 17.23
CA THR B 67 -32.35 -0.86 17.38
C THR B 67 -31.71 0.52 17.21
N MET B 68 -32.25 1.34 16.31
CA MET B 68 -31.73 2.70 16.16
C MET B 68 -31.93 3.51 17.42
N VAL B 69 -33.10 3.39 18.05
CA VAL B 69 -33.37 4.11 19.29
C VAL B 69 -32.41 3.65 20.39
N GLY B 70 -32.21 2.34 20.51
CA GLY B 70 -31.29 1.84 21.53
C GLY B 70 -29.87 2.35 21.33
N LEU B 71 -29.37 2.26 20.10
CA LEU B 71 -28.02 2.74 19.82
C LEU B 71 -27.91 4.25 20.07
N LEU B 72 -28.94 5.01 19.68
CA LEU B 72 -28.90 6.45 19.89
C LEU B 72 -28.84 6.79 21.37
N LEU B 73 -29.66 6.13 22.19
CA LEU B 73 -29.64 6.40 23.63
C LEU B 73 -28.28 6.07 24.22
N ASN B 74 -27.73 4.90 23.88
CA ASN B 74 -26.45 4.51 24.43
C ASN B 74 -25.35 5.49 24.02
N VAL B 75 -25.34 5.89 22.75
CA VAL B 75 -24.30 6.80 22.26
C VAL B 75 -24.41 8.16 22.94
N LEU B 76 -25.63 8.70 23.05
CA LEU B 76 -25.80 10.01 23.67
C LEU B 76 -25.36 10.00 25.13
N SER B 77 -25.76 8.97 25.88
CA SER B 77 -25.39 8.92 27.29
C SER B 77 -23.87 8.79 27.46
N THR B 78 -23.24 7.89 26.69
CA THR B 78 -21.81 7.74 26.80
C THR B 78 -21.08 9.01 26.37
N LEU B 79 -21.60 9.70 25.36
CA LEU B 79 -21.00 10.96 24.92
C LEU B 79 -21.06 12.02 26.03
N ILE B 80 -22.18 12.08 26.74
CA ILE B 80 -22.27 13.01 27.87
C ILE B 80 -21.23 12.67 28.93
N LEU B 81 -21.14 11.38 29.28
CA LEU B 81 -20.17 10.98 30.31
C LEU B 81 -18.75 11.31 29.88
N VAL B 82 -18.42 11.08 28.61
CA VAL B 82 -17.09 11.39 28.10
C VAL B 82 -16.83 12.89 28.15
N CYS B 83 -17.83 13.70 27.78
CA CYS B 83 -17.65 15.14 27.78
C CYS B 83 -17.37 15.68 29.18
N TYR B 84 -18.04 15.13 30.20
CA TYR B 84 -17.70 15.56 31.55
C TYR B 84 -16.43 14.94 32.11
N CYS B 85 -15.85 13.93 31.45
CA CYS B 85 -14.61 13.30 31.92
C CYS B 85 -13.62 13.10 30.78
N PRO B 86 -13.06 14.19 30.23
CA PRO B 86 -11.92 14.03 29.33
C PRO B 86 -10.73 13.47 30.07
N THR B 87 -9.91 12.68 29.35
CA THR B 87 -8.66 12.12 29.86
C THR B 87 -8.92 11.01 30.88
N ALA B 88 -10.18 10.83 31.26
CA ALA B 88 -10.61 9.75 32.14
C ALA B 88 -9.83 9.74 33.45
N THR B 89 -9.73 10.92 34.09
CA THR B 89 -9.10 11.01 35.39
C THR B 89 -9.80 11.94 36.36
N GLU B 90 -10.90 12.59 35.97
CA GLU B 90 -11.64 13.46 36.87
C GLU B 90 -12.90 12.76 37.36
N GLY B 91 -13.73 13.47 38.12
CA GLY B 91 -14.95 12.91 38.65
C GLY B 91 -16.21 13.42 37.98
N ALA B 92 -17.29 12.67 38.09
CA ALA B 92 -18.57 13.01 37.49
C ALA B 92 -19.68 12.86 38.51
N PRO B 93 -20.77 13.62 38.35
CA PRO B 93 -21.90 13.51 39.28
C PRO B 93 -22.66 12.21 39.07
N PHE B 94 -23.59 11.94 39.98
CA PHE B 94 -24.41 10.72 39.88
C PHE B 94 -25.33 10.77 38.66
N TRP B 95 -25.59 11.97 38.15
CA TRP B 95 -26.43 12.14 36.97
C TRP B 95 -25.91 11.32 35.80
N THR B 96 -24.63 11.50 35.46
CA THR B 96 -24.06 10.85 34.29
C THR B 96 -24.03 9.33 34.46
N TYR B 97 -23.63 8.86 35.64
CA TYR B 97 -23.55 7.41 35.86
C TYR B 97 -24.93 6.76 35.82
N LEU B 98 -25.92 7.41 36.42
CA LEU B 98 -27.28 6.88 36.37
C LEU B 98 -27.80 6.84 34.94
N LEU B 99 -27.54 7.90 34.17
CA LEU B 99 -27.96 7.92 32.77
C LEU B 99 -27.27 6.81 31.99
N CYS B 100 -25.98 6.57 32.25
CA CYS B 100 -25.26 5.52 31.54
C CYS B 100 -25.83 4.14 31.86
N ALA B 101 -26.12 3.88 33.14
CA ALA B 101 -26.68 2.59 33.50
C ALA B 101 -28.05 2.39 32.85
N ILE B 102 -28.89 3.43 32.89
CA ILE B 102 -30.21 3.33 32.28
C ILE B 102 -30.10 3.10 30.79
N GLY B 103 -29.20 3.82 30.12
CA GLY B 103 -29.02 3.65 28.69
C GLY B 103 -28.54 2.25 28.32
N LEU B 104 -27.59 1.71 29.08
CA LEU B 104 -27.11 0.36 28.78
C LEU B 104 -28.20 -0.68 28.99
N PHE B 105 -28.96 -0.56 30.09
CA PHE B 105 -30.05 -1.51 30.33
C PHE B 105 -31.10 -1.43 29.24
N VAL B 106 -31.47 -0.22 28.83
CA VAL B 106 -32.45 -0.04 27.75
C VAL B 106 -31.91 -0.59 26.44
N TYR B 107 -30.62 -0.42 26.17
CA TYR B 107 -30.03 -0.97 24.96
C TYR B 107 -30.14 -2.48 24.92
N GLN B 108 -29.77 -3.14 26.02
CA GLN B 108 -29.87 -4.60 26.06
C GLN B 108 -31.32 -5.05 25.90
N SER B 109 -32.24 -4.38 26.61
CA SER B 109 -33.65 -4.76 26.52
C SER B 109 -34.17 -4.62 25.10
N LEU B 110 -33.85 -3.50 24.43
CA LEU B 110 -34.35 -3.28 23.08
C LEU B 110 -33.71 -4.25 22.10
N ASP B 111 -32.45 -4.62 22.32
CA ASP B 111 -31.84 -5.65 21.48
C ASP B 111 -32.62 -6.94 21.56
N ALA B 112 -32.90 -7.40 22.78
CA ALA B 112 -33.68 -8.65 22.92
C ALA B 112 -35.06 -8.51 22.29
N ILE B 113 -35.73 -7.37 22.54
CA ILE B 113 -37.11 -7.22 22.11
C ILE B 113 -37.22 -7.13 20.59
N ASP B 114 -36.33 -6.37 19.94
CA ASP B 114 -36.46 -6.25 18.50
C ASP B 114 -36.01 -7.53 17.81
N GLY B 115 -35.07 -8.27 18.42
CA GLY B 115 -34.78 -9.60 17.91
C GLY B 115 -36.01 -10.49 17.94
N LYS B 116 -36.71 -10.53 19.08
CA LYS B 116 -37.90 -11.37 19.18
C LYS B 116 -39.00 -10.91 18.22
N GLN B 117 -39.21 -9.60 18.12
CA GLN B 117 -40.29 -9.09 17.28
C GLN B 117 -39.98 -9.24 15.80
N ALA B 118 -38.70 -9.25 15.42
CA ALA B 118 -38.34 -9.52 14.04
C ALA B 118 -38.46 -11.01 13.72
N ARG B 119 -38.18 -11.88 14.69
CA ARG B 119 -38.31 -13.31 14.45
C ARG B 119 -39.76 -13.70 14.17
N ARG B 120 -40.71 -12.97 14.74
CA ARG B 120 -42.12 -13.22 14.45
C ARG B 120 -42.64 -12.18 13.48
N THR B 121 -43.89 -12.38 13.05
CA THR B 121 -44.60 -11.47 12.16
C THR B 121 -43.84 -11.23 10.86
N ASN B 122 -43.16 -12.28 10.37
CA ASN B 122 -42.49 -12.36 9.07
C ASN B 122 -41.88 -11.04 8.59
N SER B 123 -41.16 -10.36 9.47
CA SER B 123 -40.47 -9.13 9.14
C SER B 123 -38.96 -9.30 9.03
N SER B 124 -38.47 -10.54 9.11
CA SER B 124 -37.04 -10.79 9.04
C SER B 124 -36.51 -10.48 7.66
N SER B 125 -35.31 -9.92 7.61
CA SER B 125 -34.65 -9.57 6.35
C SER B 125 -33.15 -9.56 6.58
N PRO B 126 -32.35 -9.77 5.53
CA PRO B 126 -30.89 -9.74 5.70
C PRO B 126 -30.36 -8.39 6.16
N LEU B 127 -31.09 -7.31 5.94
CA LEU B 127 -30.62 -5.99 6.38
C LEU B 127 -30.70 -5.86 7.90
N GLY B 128 -31.61 -6.59 8.52
CA GLY B 128 -31.74 -6.51 9.97
C GLY B 128 -30.50 -7.00 10.70
N GLU B 129 -29.91 -8.10 10.23
CA GLU B 129 -28.68 -8.61 10.84
C GLU B 129 -27.54 -7.63 10.65
N MET B 130 -27.47 -6.99 9.48
CA MET B 130 -26.45 -5.98 9.24
C MET B 130 -26.59 -4.82 10.21
N PHE B 131 -27.82 -4.33 10.40
CA PHE B 131 -28.05 -3.27 11.38
C PHE B 131 -27.66 -3.72 12.78
N ASP B 132 -28.02 -4.96 13.14
CA ASP B 132 -27.70 -5.46 14.47
C ASP B 132 -26.20 -5.47 14.71
N HIS B 133 -25.43 -5.96 13.73
CA HIS B 133 -23.98 -6.07 13.91
C HIS B 133 -23.32 -4.69 13.94
N GLY B 134 -23.73 -3.78 13.06
CA GLY B 134 -23.17 -2.44 13.11
C GLY B 134 -23.46 -1.73 14.42
N CYS B 135 -24.70 -1.86 14.90
CA CYS B 135 -25.06 -1.27 16.19
C CYS B 135 -24.25 -1.90 17.31
N ASP B 136 -24.01 -3.21 17.25
CA ASP B 136 -23.20 -3.86 18.27
C ASP B 136 -21.77 -3.32 18.28
N SER B 137 -21.19 -3.11 17.10
CA SER B 137 -19.84 -2.55 17.03
C SER B 137 -19.76 -1.18 17.69
N ILE B 138 -20.65 -0.27 17.25
CA ILE B 138 -20.61 1.09 17.80
C ILE B 138 -20.87 1.06 19.30
N SER B 139 -21.84 0.24 19.73
CA SER B 139 -22.20 0.19 21.14
C SER B 139 -21.05 -0.35 21.98
N ILE B 140 -20.33 -1.36 21.51
CA ILE B 140 -19.24 -1.90 22.32
C ILE B 140 -18.10 -0.88 22.43
N VAL B 141 -17.84 -0.14 21.35
CA VAL B 141 -16.81 0.91 21.45
C VAL B 141 -17.21 1.94 22.50
N PHE B 142 -18.45 2.41 22.45
CA PHE B 142 -18.87 3.45 23.39
C PHE B 142 -18.95 2.93 24.81
N VAL B 143 -19.36 1.67 24.99
CA VAL B 143 -19.41 1.07 26.33
C VAL B 143 -18.01 0.98 26.92
N ASN B 144 -17.02 0.60 26.12
CA ASN B 144 -15.67 0.53 26.66
C ASN B 144 -15.15 1.91 27.02
N LEU B 145 -15.45 2.93 26.21
CA LEU B 145 -15.09 4.29 26.61
C LEU B 145 -15.75 4.69 27.91
N GLY B 146 -17.04 4.38 28.07
CA GLY B 146 -17.74 4.74 29.30
C GLY B 146 -17.15 4.05 30.53
N THR B 147 -16.85 2.76 30.42
CA THR B 147 -16.32 2.05 31.57
C THR B 147 -14.86 2.44 31.86
N ILE B 148 -14.14 2.93 30.85
CA ILE B 148 -12.82 3.49 31.12
C ILE B 148 -12.95 4.81 31.88
N ALA B 149 -13.87 5.67 31.44
CA ALA B 149 -14.02 6.98 32.07
C ALA B 149 -14.54 6.87 33.49
N ALA B 150 -15.47 5.94 33.74
CA ALA B 150 -16.11 5.87 35.06
C ALA B 150 -15.13 5.43 36.14
N VAL B 151 -14.30 4.41 35.85
CA VAL B 151 -13.41 3.85 36.86
C VAL B 151 -12.27 4.81 37.19
N ARG B 152 -12.07 5.84 36.35
CA ARG B 152 -10.93 6.76 36.47
C ARG B 152 -9.61 6.01 36.36
N LEU B 153 -9.46 5.31 35.24
CA LEU B 153 -8.24 4.56 34.96
C LEU B 153 -7.23 5.43 34.21
N GLY B 154 -6.94 6.59 34.79
CA GLY B 154 -5.91 7.46 34.27
C GLY B 154 -4.70 7.46 35.18
N THR B 155 -4.88 6.91 36.38
CA THR B 155 -3.79 6.77 37.33
C THR B 155 -2.88 5.59 37.01
N LEU B 156 -3.24 4.76 36.04
CA LEU B 156 -2.44 3.62 35.62
C LEU B 156 -2.22 3.74 34.11
N PRO B 157 -1.33 4.62 33.68
CA PRO B 157 -1.15 4.84 32.24
C PRO B 157 -0.65 3.62 31.48
N GLY B 158 -0.04 2.65 32.16
CA GLY B 158 0.40 1.44 31.47
C GLY B 158 -0.75 0.62 30.92
N TRP B 159 -1.81 0.45 31.71
CA TRP B 159 -2.97 -0.34 31.30
C TRP B 159 -4.08 0.56 30.75
N MET B 160 -3.76 1.29 29.70
CA MET B 160 -4.81 2.15 29.16
C MET B 160 -5.03 1.97 27.67
N PHE B 161 -3.96 1.74 26.90
CA PHE B 161 -4.10 1.30 25.51
C PHE B 161 -4.80 -0.06 25.45
N TYR B 162 -4.39 -0.96 26.35
CA TYR B 162 -4.79 -2.35 26.27
C TYR B 162 -6.30 -2.51 26.37
N CYS B 163 -6.93 -1.79 27.30
CA CYS B 163 -8.36 -2.01 27.54
C CYS B 163 -9.20 -1.70 26.31
N CYS B 164 -9.15 -0.46 25.83
CA CYS B 164 -9.96 -0.06 24.69
C CYS B 164 -9.62 -0.90 23.46
N PHE B 165 -8.33 -1.04 23.17
CA PHE B 165 -8.04 -1.72 21.92
C PHE B 165 -8.23 -3.23 22.02
N VAL B 166 -8.28 -3.80 23.22
CA VAL B 166 -8.57 -5.22 23.31
C VAL B 166 -10.06 -5.45 23.21
N GLY B 167 -10.89 -4.50 23.65
CA GLY B 167 -12.31 -4.60 23.37
C GLY B 167 -12.58 -4.59 21.87
N MET B 168 -11.94 -3.66 21.16
CA MET B 168 -12.08 -3.60 19.70
C MET B 168 -11.61 -4.90 19.06
N PHE B 169 -10.43 -5.38 19.48
CA PHE B 169 -9.84 -6.59 18.92
C PHE B 169 -10.71 -7.81 19.18
N MET B 170 -11.29 -7.92 20.37
CA MET B 170 -12.16 -9.06 20.66
C MET B 170 -13.42 -9.05 19.81
N PHE B 171 -14.05 -7.89 19.62
CA PHE B 171 -15.22 -7.89 18.75
C PHE B 171 -14.84 -8.29 17.32
N TYR B 172 -13.72 -7.75 16.81
CA TYR B 172 -13.31 -8.14 15.46
C TYR B 172 -12.99 -9.62 15.37
N CYS B 173 -12.38 -10.19 16.41
CA CYS B 173 -12.06 -11.62 16.39
C CYS B 173 -13.31 -12.48 16.44
N ALA B 174 -14.33 -12.05 17.18
CA ALA B 174 -15.60 -12.79 17.15
C ALA B 174 -16.19 -12.79 15.76
N GLN B 175 -16.21 -11.63 15.10
CA GLN B 175 -16.70 -11.58 13.73
C GLN B 175 -15.86 -12.44 12.81
N TRP B 176 -14.54 -12.43 13.00
CA TRP B 176 -13.64 -13.15 12.11
C TRP B 176 -13.77 -14.66 12.25
N GLN B 177 -13.94 -15.16 13.47
CA GLN B 177 -14.18 -16.59 13.62
C GLN B 177 -15.57 -16.97 13.12
N THR B 178 -16.52 -16.03 13.17
CA THR B 178 -17.79 -16.28 12.48
C THR B 178 -17.59 -16.39 10.97
N TYR B 179 -16.62 -15.64 10.43
CA TYR B 179 -16.33 -15.72 9.00
C TYR B 179 -15.84 -17.12 8.60
N VAL B 180 -14.98 -17.72 9.43
CA VAL B 180 -14.40 -19.03 9.13
C VAL B 180 -15.44 -20.15 9.20
N CYS B 181 -16.56 -19.93 9.88
CA CYS B 181 -17.60 -20.94 10.02
C CYS B 181 -18.90 -20.37 9.46
N GLY B 182 -19.99 -21.07 9.72
CA GLY B 182 -21.28 -20.63 9.20
C GLY B 182 -22.29 -20.26 10.27
N THR B 183 -22.01 -20.63 11.51
CA THR B 183 -22.94 -20.42 12.61
C THR B 183 -22.25 -19.68 13.75
N LEU B 184 -22.99 -18.79 14.40
CA LEU B 184 -22.50 -18.12 15.58
C LEU B 184 -22.41 -19.09 16.74
N LYS B 185 -21.29 -19.07 17.46
CA LYS B 185 -21.08 -19.91 18.63
C LYS B 185 -21.04 -19.02 19.87
N PHE B 186 -21.92 -19.30 20.82
CA PHE B 186 -22.03 -18.51 22.04
C PHE B 186 -21.45 -19.30 23.21
N GLY B 187 -20.59 -18.65 23.99
CA GLY B 187 -19.97 -19.26 25.14
C GLY B 187 -20.79 -19.04 26.40
N ILE B 188 -20.09 -19.02 27.53
CA ILE B 188 -20.71 -18.84 28.84
C ILE B 188 -20.38 -17.50 29.47
N ILE B 189 -19.44 -16.74 28.90
CA ILE B 189 -19.01 -15.45 29.44
C ILE B 189 -19.30 -14.39 28.38
N ASP B 190 -20.39 -14.56 27.66
CA ASP B 190 -20.69 -13.74 26.48
C ASP B 190 -21.17 -12.35 26.91
N VAL B 191 -21.73 -11.62 25.94
CA VAL B 191 -21.99 -10.18 26.09
C VAL B 191 -22.97 -9.91 27.22
N THR B 192 -23.88 -10.84 27.51
CA THR B 192 -24.91 -10.59 28.53
C THR B 192 -24.29 -10.35 29.90
N GLU B 193 -23.35 -11.22 30.31
CA GLU B 193 -22.70 -11.04 31.60
C GLU B 193 -21.87 -9.77 31.64
N LEU B 194 -21.18 -9.45 30.54
CA LEU B 194 -20.41 -8.21 30.48
C LEU B 194 -21.31 -7.00 30.69
N GLN B 195 -22.44 -6.96 29.98
CA GLN B 195 -23.34 -5.82 30.11
C GLN B 195 -23.94 -5.73 31.51
N ILE B 196 -24.30 -6.88 32.09
CA ILE B 196 -24.85 -6.86 33.45
C ILE B 196 -23.82 -6.35 34.45
N SER B 197 -22.58 -6.82 34.33
CA SER B 197 -21.53 -6.38 35.23
C SER B 197 -21.25 -4.89 35.08
N VAL B 198 -21.22 -4.39 33.84
CA VAL B 198 -20.97 -2.98 33.63
C VAL B 198 -22.10 -2.13 34.19
N THR B 199 -23.35 -2.59 34.01
CA THR B 199 -24.49 -1.86 34.55
C THR B 199 -24.44 -1.80 36.08
N VAL B 200 -24.18 -2.94 36.72
CA VAL B 200 -24.14 -2.95 38.18
C VAL B 200 -22.95 -2.14 38.69
N MET B 201 -21.85 -2.11 37.95
CA MET B 201 -20.70 -1.31 38.35
C MET B 201 -21.01 0.18 38.23
N PHE B 202 -21.70 0.58 37.17
CA PHE B 202 -22.12 1.97 37.05
C PHE B 202 -23.05 2.37 38.18
N LEU B 203 -24.01 1.50 38.51
CA LEU B 203 -24.92 1.80 39.61
C LEU B 203 -24.18 1.91 40.94
N MET B 204 -23.23 1.00 41.18
CA MET B 204 -22.47 1.03 42.43
C MET B 204 -21.61 2.29 42.51
N THR B 205 -20.98 2.68 41.39
CA THR B 205 -20.19 3.91 41.39
C THR B 205 -21.08 5.13 41.64
N ALA B 206 -22.28 5.15 41.04
CA ALA B 206 -23.18 6.28 41.25
C ALA B 206 -23.62 6.37 42.72
N VAL B 207 -23.98 5.24 43.33
CA VAL B 207 -24.49 5.28 44.69
C VAL B 207 -23.37 5.56 45.69
N CYS B 208 -22.16 5.06 45.42
CA CYS B 208 -21.06 5.18 46.38
C CYS B 208 -20.13 6.34 46.09
N GLY B 209 -20.00 6.76 44.83
CA GLY B 209 -19.14 7.86 44.48
C GLY B 209 -17.93 7.41 43.68
N PRO B 210 -17.35 8.35 42.92
CA PRO B 210 -16.18 7.99 42.08
C PRO B 210 -14.97 7.57 42.88
N GLU B 211 -14.90 7.87 44.18
CA GLU B 211 -13.76 7.54 45.00
C GLU B 211 -13.78 6.10 45.50
N LEU B 212 -14.79 5.32 45.12
CA LEU B 212 -14.87 3.94 45.57
C LEU B 212 -13.67 3.13 45.10
N TRP B 213 -13.16 3.43 43.91
CA TRP B 213 -11.98 2.76 43.38
C TRP B 213 -10.69 3.27 43.99
N ASP B 214 -10.77 4.21 44.93
CA ASP B 214 -9.64 4.68 45.72
C ASP B 214 -9.81 4.25 47.17
N TYR B 215 -10.25 3.02 47.37
CA TYR B 215 -10.54 2.43 48.68
C TYR B 215 -9.69 1.19 48.84
N GLU B 216 -8.39 1.34 48.60
CA GLU B 216 -7.40 0.27 48.53
C GLU B 216 -7.67 -0.85 49.53
N ILE B 217 -7.70 -2.07 49.00
CA ILE B 217 -8.08 -3.27 49.77
C ILE B 217 -7.00 -3.56 50.81
N PRO B 218 -7.37 -3.80 52.08
CA PRO B 218 -6.38 -3.84 53.17
C PRO B 218 -5.15 -4.72 52.93
N PHE B 219 -5.18 -5.60 51.95
CA PHE B 219 -4.08 -6.51 51.67
C PHE B 219 -3.65 -6.39 50.22
N THR B 220 -2.48 -6.98 49.93
CA THR B 220 -1.85 -7.15 48.62
C THR B 220 -1.26 -5.83 48.12
N GLY B 221 -1.51 -4.70 48.80
CA GLY B 221 -0.98 -3.39 48.45
C GLY B 221 -1.43 -2.91 47.07
N LEU B 222 -2.57 -3.39 46.58
CA LEU B 222 -3.10 -2.97 45.28
C LEU B 222 -4.43 -2.24 45.44
N PRO B 223 -4.73 -1.28 44.56
CA PRO B 223 -6.01 -0.58 44.65
C PRO B 223 -7.18 -1.44 44.19
N MET B 224 -8.40 -0.91 44.33
CA MET B 224 -9.59 -1.70 44.00
C MET B 224 -9.79 -1.86 42.50
N LYS B 225 -9.22 -0.95 41.70
CA LYS B 225 -9.39 -1.04 40.26
C LYS B 225 -8.76 -2.30 39.67
N THR B 226 -7.89 -2.98 40.42
CA THR B 226 -7.36 -4.25 39.95
C THR B 226 -8.41 -5.36 39.95
N ILE B 227 -9.45 -5.24 40.78
CA ILE B 227 -10.48 -6.28 40.83
C ILE B 227 -11.18 -6.46 39.49
N PRO B 228 -11.67 -5.41 38.81
CA PRO B 228 -12.24 -5.63 37.47
C PRO B 228 -11.19 -6.04 36.45
N LEU B 229 -10.11 -5.25 36.37
CA LEU B 229 -9.13 -5.39 35.29
C LEU B 229 -8.63 -6.82 35.18
N LEU B 230 -8.14 -7.38 36.29
CA LEU B 230 -7.65 -8.75 36.28
C LEU B 230 -8.71 -9.69 35.72
N GLY B 231 -9.93 -9.60 36.25
CA GLY B 231 -11.00 -10.44 35.73
C GLY B 231 -11.18 -10.27 34.24
N ILE B 232 -11.19 -9.01 33.79
CA ILE B 232 -11.30 -8.74 32.35
C ILE B 232 -10.21 -9.49 31.61
N ILE B 233 -8.97 -9.36 32.09
CA ILE B 233 -7.85 -10.05 31.45
C ILE B 233 -8.16 -11.54 31.37
N GLY B 234 -8.60 -12.12 32.49
CA GLY B 234 -8.97 -13.52 32.47
C GLY B 234 -9.99 -13.82 31.40
N GLY B 235 -11.09 -13.08 31.40
CA GLY B 235 -12.08 -13.26 30.37
C GLY B 235 -11.48 -13.11 29.00
N THR B 236 -10.65 -12.08 28.82
CA THR B 236 -9.90 -11.90 27.58
C THR B 236 -9.33 -13.23 27.11
N VAL B 237 -8.45 -13.82 27.93
CA VAL B 237 -7.77 -15.04 27.51
C VAL B 237 -8.80 -16.09 27.12
N TYR B 238 -9.79 -16.29 27.99
CA TYR B 238 -10.79 -17.31 27.74
C TYR B 238 -11.41 -17.10 26.37
N SER B 239 -11.91 -15.89 26.11
CA SER B 239 -12.55 -15.61 24.84
C SER B 239 -11.60 -15.94 23.70
N CYS B 240 -10.38 -15.40 23.77
CA CYS B 240 -9.43 -15.62 22.70
C CYS B 240 -9.29 -17.10 22.41
N SER B 241 -9.12 -17.90 23.47
CA SER B 241 -8.96 -19.34 23.32
C SER B 241 -10.03 -19.88 22.38
N ASN B 242 -11.30 -19.70 22.75
CA ASN B 242 -12.38 -20.26 21.95
C ASN B 242 -12.26 -19.80 20.51
N TYR B 243 -12.12 -18.49 20.31
CA TYR B 243 -12.08 -17.96 18.95
C TYR B 243 -10.97 -18.62 18.16
N PHE B 244 -9.77 -18.70 18.75
CA PHE B 244 -8.63 -19.18 17.98
C PHE B 244 -8.84 -20.64 17.59
N ARG B 245 -9.53 -21.42 18.43
CA ARG B 245 -9.80 -22.80 18.07
C ARG B 245 -10.62 -22.85 16.79
N VAL B 246 -11.69 -22.05 16.72
CA VAL B 246 -12.51 -22.01 15.51
C VAL B 246 -11.69 -21.51 14.33
N ILE B 247 -10.66 -20.71 14.59
CA ILE B 247 -9.80 -20.24 13.50
C ILE B 247 -9.01 -21.40 12.90
N LEU B 248 -8.60 -22.36 13.73
CA LEU B 248 -7.70 -23.42 13.29
C LEU B 248 -8.44 -24.72 12.99
N SER B 249 -9.21 -25.23 13.94
CA SER B 249 -9.89 -26.51 13.75
C SER B 249 -11.08 -26.36 12.81
N GLY B 250 -11.71 -25.18 12.77
CA GLY B 250 -12.92 -24.99 12.01
C GLY B 250 -12.68 -24.94 10.52
N GLY B 251 -13.57 -25.58 9.76
CA GLY B 251 -13.53 -25.55 8.32
C GLY B 251 -14.86 -25.94 7.71
N VAL B 252 -15.39 -25.13 6.79
CA VAL B 252 -16.70 -25.37 6.21
C VAL B 252 -16.66 -25.50 4.69
N GLY B 253 -15.70 -24.89 4.01
CA GLY B 253 -15.65 -24.95 2.56
C GLY B 253 -15.13 -26.28 2.04
N LYS B 254 -14.53 -26.26 0.84
CA LYS B 254 -13.95 -27.47 0.28
C LYS B 254 -12.81 -28.01 1.13
N ASN B 255 -12.24 -27.18 1.99
CA ASN B 255 -11.13 -27.55 2.87
C ASN B 255 -11.34 -26.80 4.18
N GLY B 256 -10.27 -26.70 4.98
CA GLY B 256 -10.34 -25.98 6.22
C GLY B 256 -10.41 -24.47 6.02
N SER B 257 -10.38 -24.04 4.76
CA SER B 257 -10.40 -22.62 4.43
C SER B 257 -11.76 -22.01 4.76
N THR B 258 -11.89 -20.71 4.49
CA THR B 258 -13.11 -19.98 4.80
C THR B 258 -14.24 -20.40 3.87
N VAL B 259 -15.46 -19.98 4.22
CA VAL B 259 -16.63 -20.31 3.42
C VAL B 259 -16.54 -19.68 2.04
N ALA B 260 -15.80 -18.58 1.91
CA ALA B 260 -15.64 -17.91 0.62
C ALA B 260 -14.56 -18.54 -0.24
N GLY B 261 -13.82 -19.52 0.29
CA GLY B 261 -12.76 -20.16 -0.45
C GLY B 261 -11.43 -19.45 -0.41
N THR B 262 -11.34 -18.29 0.25
CA THR B 262 -10.10 -17.55 0.34
C THR B 262 -9.28 -18.04 1.53
N SER B 263 -8.21 -17.32 1.83
CA SER B 263 -7.30 -17.72 2.89
C SER B 263 -7.97 -17.60 4.26
N VAL B 264 -7.49 -18.42 5.20
CA VAL B 264 -8.05 -18.44 6.54
C VAL B 264 -7.70 -17.16 7.31
N LEU B 265 -6.50 -16.62 7.10
CA LEU B 265 -5.96 -15.55 7.92
C LEU B 265 -5.83 -14.24 7.15
N SER B 266 -6.84 -13.89 6.35
CA SER B 266 -6.85 -12.61 5.66
C SER B 266 -7.31 -11.47 6.57
N PRO B 267 -8.42 -11.60 7.32
CA PRO B 267 -8.82 -10.50 8.21
C PRO B 267 -7.82 -10.20 9.32
N GLY B 268 -6.98 -11.18 9.67
CA GLY B 268 -5.94 -10.93 10.64
C GLY B 268 -5.01 -9.82 10.20
N LEU B 269 -4.73 -9.76 8.88
CA LEU B 269 -3.91 -8.68 8.36
C LEU B 269 -4.57 -7.33 8.56
N HIS B 270 -5.87 -7.23 8.32
CA HIS B 270 -6.58 -5.97 8.52
C HIS B 270 -6.50 -5.51 9.97
N ILE B 271 -6.86 -6.41 10.89
CA ILE B 271 -6.89 -6.00 12.30
C ILE B 271 -5.48 -5.72 12.81
N GLY B 272 -4.49 -6.50 12.37
CA GLY B 272 -3.13 -6.24 12.77
C GLY B 272 -2.61 -4.93 12.23
N LEU B 273 -2.96 -4.59 10.99
CA LEU B 273 -2.56 -3.30 10.44
C LEU B 273 -3.15 -2.17 11.25
N VAL B 274 -4.43 -2.25 11.59
CA VAL B 274 -5.07 -1.17 12.35
C VAL B 274 -4.41 -1.02 13.71
N LEU B 275 -4.27 -2.11 14.46
CA LEU B 275 -3.71 -2.01 15.81
C LEU B 275 -2.24 -1.62 15.79
N LEU B 276 -1.46 -2.18 14.86
CA LEU B 276 -0.05 -1.84 14.77
C LEU B 276 0.15 -0.39 14.40
N LEU B 277 -0.65 0.14 13.47
CA LEU B 277 -0.55 1.54 13.10
C LEU B 277 -0.92 2.44 14.26
N ALA B 278 -1.96 2.07 15.02
CA ALA B 278 -2.34 2.84 16.20
C ALA B 278 -1.19 2.85 17.21
N LEU B 279 -0.60 1.69 17.48
CA LEU B 279 0.52 1.62 18.43
C LEU B 279 1.72 2.40 17.95
N MET B 280 2.00 2.36 16.64
CA MET B 280 3.16 3.05 16.10
C MET B 280 2.99 4.56 16.17
N ILE B 281 1.78 5.06 15.93
CA ILE B 281 1.53 6.49 16.11
C ILE B 281 1.58 6.86 17.59
N TYR B 282 1.08 5.99 18.46
CA TYR B 282 1.09 6.27 19.89
C TYR B 282 2.50 6.36 20.46
N LYS B 283 3.39 5.46 20.02
CA LYS B 283 4.71 5.35 20.66
C LYS B 283 5.69 6.43 20.21
N LYS B 284 5.35 7.23 19.20
CA LYS B 284 6.26 8.25 18.68
C LYS B 284 5.55 9.59 18.55
N SER B 285 4.69 9.89 19.53
CA SER B 285 3.94 11.13 19.48
C SER B 285 4.78 12.34 19.84
N THR B 286 5.69 12.19 20.80
CA THR B 286 6.60 13.21 21.31
C THR B 286 5.87 14.35 22.03
N THR B 287 4.53 14.32 22.10
CA THR B 287 3.79 15.37 22.79
C THR B 287 2.65 14.80 23.63
N ASN B 288 2.72 13.52 24.01
CA ASN B 288 1.68 12.85 24.79
C ASN B 288 0.33 12.97 24.08
N LEU B 289 0.28 12.45 22.85
CA LEU B 289 -0.93 12.53 22.06
C LEU B 289 -2.06 11.69 22.66
N PHE B 290 -1.73 10.49 23.14
CA PHE B 290 -2.77 9.58 23.60
C PHE B 290 -3.12 9.82 25.07
N LEU B 291 -2.12 9.98 25.93
CA LEU B 291 -2.38 10.13 27.36
C LEU B 291 -3.05 11.46 27.69
N GLN B 292 -3.08 12.41 26.75
CA GLN B 292 -3.78 13.67 26.95
C GLN B 292 -5.10 13.76 26.21
N ASN B 293 -5.27 13.03 25.12
CA ASN B 293 -6.52 13.00 24.36
C ASN B 293 -6.91 11.55 24.09
N PRO B 294 -7.30 10.81 25.14
CA PRO B 294 -7.64 9.39 24.93
C PRO B 294 -8.96 9.19 24.22
N CYS B 295 -9.96 10.01 24.52
CA CYS B 295 -11.27 9.83 23.93
C CYS B 295 -11.26 10.08 22.42
N LEU B 296 -10.56 11.14 21.98
CA LEU B 296 -10.48 11.42 20.55
C LEU B 296 -9.75 10.31 19.80
N TYR B 297 -8.60 9.88 20.35
CA TYR B 297 -7.83 8.80 19.76
C TYR B 297 -8.68 7.54 19.63
N THR B 298 -9.34 7.15 20.72
CA THR B 298 -10.13 5.94 20.73
C THR B 298 -11.32 6.05 19.79
N LEU B 299 -11.94 7.23 19.70
CA LEU B 299 -13.09 7.39 18.81
C LEU B 299 -12.68 7.31 17.35
N ALA B 300 -11.58 7.95 16.97
CA ALA B 300 -11.13 7.89 15.59
C ALA B 300 -10.82 6.44 15.19
N PHE B 301 -10.00 5.76 16.00
CA PHE B 301 -9.67 4.39 15.65
C PHE B 301 -10.85 3.45 15.80
N GLY B 302 -11.82 3.79 16.66
CA GLY B 302 -13.02 2.99 16.75
C GLY B 302 -13.91 3.11 15.53
N PHE B 303 -14.01 4.30 14.95
CA PHE B 303 -14.73 4.44 13.70
C PHE B 303 -14.03 3.66 12.59
N VAL B 304 -12.70 3.72 12.54
CA VAL B 304 -11.97 2.94 11.54
C VAL B 304 -12.28 1.44 11.71
N SER B 305 -12.16 0.94 12.94
CA SER B 305 -12.40 -0.47 13.20
C SER B 305 -13.85 -0.85 12.97
N ALA B 306 -14.79 0.06 13.22
CA ALA B 306 -16.20 -0.24 12.97
C ALA B 306 -16.46 -0.40 11.48
N LYS B 307 -15.89 0.46 10.65
CA LYS B 307 -16.04 0.27 9.21
C LYS B 307 -15.40 -1.05 8.76
N ILE B 308 -14.21 -1.35 9.27
CA ILE B 308 -13.55 -2.60 8.90
C ILE B 308 -14.38 -3.80 9.32
N THR B 309 -15.02 -3.74 10.48
CA THR B 309 -15.84 -4.86 10.95
C THR B 309 -17.13 -4.98 10.16
N ILE B 310 -17.74 -3.86 9.77
CA ILE B 310 -18.93 -3.92 8.93
C ILE B 310 -18.60 -4.52 7.58
N LYS B 311 -17.42 -4.23 7.04
CA LYS B 311 -17.01 -4.86 5.79
C LYS B 311 -16.96 -6.38 5.92
N LEU B 312 -16.38 -6.89 7.00
CA LEU B 312 -16.34 -8.32 7.22
C LEU B 312 -17.73 -8.90 7.44
N VAL B 313 -18.61 -8.16 8.11
CA VAL B 313 -19.99 -8.62 8.29
C VAL B 313 -20.66 -8.82 6.95
N ILE B 314 -20.52 -7.83 6.06
CA ILE B 314 -21.10 -7.95 4.73
C ILE B 314 -20.44 -9.09 3.95
N ALA B 315 -19.14 -9.27 4.13
CA ALA B 315 -18.44 -10.33 3.42
C ALA B 315 -18.94 -11.71 3.82
N HIS B 316 -19.12 -11.94 5.13
CA HIS B 316 -19.54 -13.26 5.57
C HIS B 316 -21.04 -13.46 5.47
N MET B 317 -21.83 -12.40 5.32
CA MET B 317 -23.23 -12.58 4.92
C MET B 317 -23.31 -13.16 3.52
N THR B 318 -22.54 -12.61 2.59
CA THR B 318 -22.41 -13.16 1.25
C THR B 318 -21.25 -14.18 1.28
N LYS B 319 -20.75 -14.57 0.11
CA LYS B 319 -19.61 -15.47 0.03
C LYS B 319 -18.45 -14.82 -0.73
N SER B 320 -18.38 -13.50 -0.72
CA SER B 320 -17.39 -12.77 -1.49
C SER B 320 -16.07 -12.68 -0.73
N GLU B 321 -15.14 -11.88 -1.24
CA GLU B 321 -13.79 -11.77 -0.70
C GLU B 321 -13.48 -10.32 -0.36
N ILE B 322 -12.69 -10.14 0.70
CA ILE B 322 -12.31 -8.82 1.17
C ILE B 322 -10.88 -8.51 0.71
N SER B 323 -10.59 -7.22 0.59
CA SER B 323 -9.28 -6.71 0.23
C SER B 323 -8.69 -5.91 1.38
N LEU B 324 -7.43 -5.52 1.22
CA LEU B 324 -6.69 -4.76 2.22
C LEU B 324 -6.43 -3.34 1.73
N GLN B 325 -7.34 -2.81 0.92
CA GLN B 325 -7.18 -1.46 0.38
C GLN B 325 -8.52 -0.75 0.52
N ASP B 326 -8.59 0.20 1.45
CA ASP B 326 -9.85 0.85 1.79
C ASP B 326 -9.64 2.35 1.88
N THR B 327 -10.72 3.09 1.64
CA THR B 327 -10.70 4.53 1.86
C THR B 327 -11.06 4.82 3.31
N ALA B 328 -10.43 4.11 4.23
CA ALA B 328 -10.61 4.33 5.66
C ALA B 328 -9.31 4.59 6.39
N PHE B 329 -8.16 4.31 5.77
CA PHE B 329 -6.87 4.64 6.32
C PHE B 329 -6.44 6.08 5.99
N ILE B 330 -7.39 6.94 5.61
CA ILE B 330 -7.07 8.32 5.33
C ILE B 330 -6.60 9.04 6.59
N GLY B 331 -7.35 8.89 7.68
CA GLY B 331 -7.01 9.54 8.93
C GLY B 331 -5.70 9.04 9.52
N PRO B 332 -5.58 7.72 9.70
CA PRO B 332 -4.28 7.17 10.12
C PRO B 332 -3.15 7.50 9.16
N GLY B 333 -3.43 7.55 7.86
CA GLY B 333 -2.39 7.95 6.92
C GLY B 333 -1.91 9.37 7.14
N LEU B 334 -2.86 10.29 7.37
CA LEU B 334 -2.49 11.66 7.67
C LEU B 334 -1.67 11.76 8.95
N LEU B 335 -2.07 11.03 9.99
CA LEU B 335 -1.28 11.04 11.23
C LEU B 335 0.12 10.50 10.99
N PHE B 336 0.23 9.38 10.27
CA PHE B 336 1.54 8.77 10.04
C PHE B 336 2.44 9.68 9.23
N PHE B 337 1.91 10.30 8.17
CA PHE B 337 2.73 11.15 7.31
C PHE B 337 2.98 12.52 7.91
N ASN B 338 2.18 12.96 8.87
CA ASN B 338 2.50 14.15 9.65
C ASN B 338 3.52 13.85 10.74
N GLN B 339 3.61 12.59 11.18
CA GLN B 339 4.69 12.20 12.08
C GLN B 339 6.01 11.98 11.35
N TYR B 340 5.97 11.50 10.10
CA TYR B 340 7.19 11.28 9.35
C TYR B 340 7.97 12.57 9.18
N PHE B 341 7.39 13.54 8.48
CA PHE B 341 7.88 14.91 8.57
C PHE B 341 7.78 15.36 10.03
N ASN B 342 8.80 16.09 10.49
CA ASN B 342 8.95 16.31 11.93
C ASN B 342 7.69 16.93 12.54
N SER B 343 7.39 18.19 12.20
CA SER B 343 6.12 18.79 12.60
C SER B 343 5.95 20.09 11.80
N PHE B 344 4.92 20.12 10.95
CA PHE B 344 4.47 21.37 10.36
C PHE B 344 3.02 21.68 10.69
N ILE B 345 2.27 20.68 11.16
CA ILE B 345 0.95 20.89 11.76
C ILE B 345 0.98 20.27 13.15
N ASP B 346 0.52 21.03 14.15
CA ASP B 346 0.50 20.52 15.51
C ASP B 346 -0.40 19.31 15.62
N GLU B 347 -0.02 18.36 16.47
CA GLU B 347 -0.74 17.10 16.56
C GLU B 347 -1.97 17.20 17.46
N TYR B 348 -2.80 18.22 17.23
CA TYR B 348 -4.10 18.31 17.86
C TYR B 348 -5.22 18.63 16.90
N ILE B 349 -4.93 19.30 15.79
CA ILE B 349 -5.95 19.51 14.77
C ILE B 349 -6.00 18.33 13.81
N VAL B 350 -4.87 17.66 13.59
CA VAL B 350 -4.82 16.50 12.71
C VAL B 350 -5.70 15.39 13.25
N LEU B 351 -5.72 15.22 14.58
CA LEU B 351 -6.59 14.20 15.18
C LEU B 351 -8.05 14.51 14.93
N TRP B 352 -8.45 15.78 15.05
CA TRP B 352 -9.83 16.15 14.80
C TRP B 352 -10.19 15.92 13.33
N ILE B 353 -9.28 16.28 12.41
CA ILE B 353 -9.53 16.04 11.00
C ILE B 353 -9.71 14.55 10.73
N ALA B 354 -8.85 13.73 11.33
CA ALA B 354 -8.93 12.28 11.13
C ALA B 354 -10.25 11.74 11.66
N MET B 355 -10.68 12.18 12.84
CA MET B 355 -11.94 11.70 13.39
C MET B 355 -13.11 12.10 12.50
N VAL B 356 -13.12 13.35 12.04
CA VAL B 356 -14.23 13.81 11.19
C VAL B 356 -14.26 13.03 9.89
N ILE B 357 -13.09 12.81 9.28
CA ILE B 357 -13.03 12.07 8.02
C ILE B 357 -13.52 10.64 8.22
N SER B 358 -13.09 9.98 9.29
CA SER B 358 -13.50 8.61 9.54
C SER B 358 -15.00 8.52 9.77
N PHE B 359 -15.55 9.44 10.57
CA PHE B 359 -16.99 9.42 10.83
C PHE B 359 -17.79 9.65 9.56
N ALA B 360 -17.38 10.64 8.74
CA ALA B 360 -18.08 10.91 7.50
C ALA B 360 -18.02 9.71 6.55
N ASP B 361 -16.85 9.08 6.45
CA ASP B 361 -16.70 7.93 5.57
C ASP B 361 -17.58 6.77 6.02
N LEU B 362 -17.59 6.46 7.32
CA LEU B 362 -18.42 5.38 7.83
C LEU B 362 -19.90 5.67 7.59
N LEU B 363 -20.33 6.89 7.87
CA LEU B 363 -21.74 7.25 7.68
C LEU B 363 -22.13 7.14 6.21
N ARG B 364 -21.27 7.63 5.31
CA ARG B 364 -21.57 7.55 3.88
C ARG B 364 -21.68 6.10 3.43
N TYR B 365 -20.74 5.25 3.87
CA TYR B 365 -20.78 3.84 3.50
C TYR B 365 -22.07 3.18 3.98
N CYS B 366 -22.42 3.38 5.25
CA CYS B 366 -23.63 2.76 5.79
C CYS B 366 -24.88 3.25 5.07
N ILE B 367 -24.98 4.56 4.83
CA ILE B 367 -26.15 5.10 4.16
C ILE B 367 -26.27 4.55 2.74
N SER B 368 -25.15 4.48 2.02
CA SER B 368 -25.19 3.97 0.65
C SER B 368 -25.63 2.52 0.61
N VAL B 369 -25.07 1.68 1.48
CA VAL B 369 -25.44 0.27 1.49
C VAL B 369 -26.92 0.10 1.86
N CYS B 370 -27.37 0.83 2.89
CA CYS B 370 -28.77 0.74 3.30
C CYS B 370 -29.70 1.16 2.18
N LEU B 371 -29.37 2.26 1.48
CA LEU B 371 -30.22 2.73 0.39
C LEU B 371 -30.26 1.73 -0.74
N GLN B 372 -29.11 1.12 -1.07
CA GLN B 372 -29.11 0.14 -2.15
C GLN B 372 -29.95 -1.08 -1.81
N ILE B 373 -29.82 -1.59 -0.58
CA ILE B 373 -30.61 -2.76 -0.19
C ILE B 373 -32.10 -2.41 -0.15
N ALA B 374 -32.44 -1.23 0.36
CA ALA B 374 -33.85 -0.83 0.40
C ALA B 374 -34.42 -0.68 -1.00
N THR B 375 -33.64 -0.11 -1.92
CA THR B 375 -34.10 0.02 -3.30
C THR B 375 -34.31 -1.35 -3.94
N HIS B 376 -33.40 -2.28 -3.71
CA HIS B 376 -33.53 -3.60 -4.35
C HIS B 376 -34.71 -4.37 -3.77
N LEU B 377 -34.76 -4.53 -2.45
CA LEU B 377 -35.75 -5.39 -1.83
C LEU B 377 -37.05 -4.66 -1.50
N ARG B 378 -37.17 -3.38 -1.84
CA ARG B 378 -38.35 -2.55 -1.56
C ARG B 378 -38.92 -2.83 -0.17
N ILE B 379 -38.07 -2.61 0.83
CA ILE B 379 -38.40 -2.93 2.22
C ILE B 379 -39.01 -1.76 2.97
N SER B 380 -38.68 -0.52 2.62
CA SER B 380 -39.09 0.67 3.38
C SER B 380 -38.56 0.57 4.81
N VAL B 381 -37.23 0.67 4.90
CA VAL B 381 -36.43 0.31 6.06
C VAL B 381 -37.06 0.72 7.39
N PHE B 382 -37.60 1.93 7.46
CA PHE B 382 -38.23 2.40 8.69
C PHE B 382 -39.74 2.20 8.69
N ARG B 383 -40.38 2.27 7.53
CA ARG B 383 -41.81 2.01 7.39
C ARG B 383 -42.65 2.86 8.32
MG MG C . 19.23 -2.36 -27.67
MG MG D . 18.72 -4.29 -31.18
C4 LBN E . 16.05 -13.17 -2.89
C7 LBN E . 17.51 -13.28 -2.45
C10 LBN E . 17.99 -12.10 -1.64
C13 LBN E . 19.51 -11.96 -1.59
C16 LBN E . 20.19 -12.91 -0.63
C29 LBN E . 11.13 -11.15 -1.84
C30 LBN E . 12.48 -10.55 -2.19
C31 LBN E . 13.44 -11.54 -2.84
C32 LBN E . 14.81 -10.96 -3.14
C33 LBN E . 15.76 -11.96 -3.77
C1 LBN F . 4.02 -5.17 -1.68
N1 LBN F . 3.22 -9.35 -5.98
P1 LBN F . 4.17 -7.76 -1.24
C2 LBN F . 4.79 -3.91 -1.43
C3 LBN F . 4.05 -2.69 -1.91
C5 LBN F . 11.47 -2.25 9.25
C6 LBN F . 4.01 -8.70 -4.88
O1 LBN F . 4.80 -6.30 -1.21
C8 LBN F . 12.90 -2.22 9.66
C9 LBN F . 3.64 -9.08 -3.48
O2 LBN F . 4.60 -8.35 -2.67
C11 LBN F . 13.70 -1.14 8.93
C12 LBN F . 1.80 -8.89 -5.92
O3 LBN F . 2.70 -7.65 -1.19
C14 LBN F . 15.19 -1.17 9.21
C15 LBN F . 3.26 -10.83 -5.83
O4 LBN F . 4.87 -8.56 -0.21
C17 LBN F . 15.87 -2.46 8.78
C18 LBN F . 3.79 -8.98 -7.31
C25 LBN F . 4.23 -0.33 -1.76
O5 LBN F . 4.76 -1.52 -1.48
C26 LBN F . 5.12 0.79 -1.30
O6 LBN F . 3.17 -0.18 -2.32
C27 LBN F . 5.40 0.74 0.19
C28 LBN F . 6.57 1.63 0.62
C29 LBN F . 6.17 2.90 1.33
C30 LBN F . 5.48 3.92 0.44
C31 LBN F . 5.13 5.22 1.14
C32 LBN F . 4.60 6.30 0.21
C34 LBN F . 6.17 -3.96 0.52
O7 LBN F . 4.95 -3.76 0.02
C35 LBN F . 6.58 -2.83 1.42
O8 LBN F . 6.85 -4.93 0.29
C36 LBN F . 7.67 -3.20 2.40
C37 LBN F . 8.02 -2.06 3.35
C38 LBN F . 9.14 -2.40 4.33
C39 LBN F . 8.89 -3.64 5.15
C40 LBN F . 9.93 -3.89 6.23
C41 LBN F . 9.98 -2.81 7.30
C42 LBN F . 10.93 -3.12 8.41
C4 LBN G . 30.84 2.56 -5.06
C7 LBN G . 32.28 2.63 -4.55
C10 LBN G . 32.53 1.75 -3.33
C13 LBN G . 33.93 1.87 -2.76
C16 LBN G . 35.01 1.50 -3.76
C25 LBN G . 26.09 -5.42 -10.69
C26 LBN G . 27.28 -4.61 -10.24
C27 LBN G . 27.07 -3.87 -8.92
C28 LBN G . 28.26 -3.02 -8.50
C29 LBN G . 28.04 -2.25 -7.20
C30 LBN G . 29.20 -1.37 -6.81
C31 LBN G . 29.10 0.05 -7.32
C32 LBN G . 30.26 0.94 -6.94
C33 LBN G . 30.40 1.17 -5.44
C4 LBN H . 12.35 15.93 -9.73
C7 LBN H . 11.02 16.01 -9.04
C10 LBN H . 10.17 14.75 -9.15
C13 LBN H . 8.81 14.84 -8.50
C16 LBN H . 7.97 13.61 -8.71
C25 LBN H . 18.77 23.28 -3.97
C26 LBN H . 17.50 22.44 -4.10
C27 LBN H . 17.59 21.37 -5.19
C28 LBN H . 16.32 20.56 -5.35
C29 LBN H . 16.38 19.53 -6.47
C30 LBN H . 15.09 18.73 -6.63
C31 LBN H . 14.71 18.49 -8.09
C32 LBN H . 13.41 17.72 -8.25
C33 LBN H . 13.17 17.23 -9.67
C4 LBN I . 12.39 18.94 5.02
C7 LBN I . 12.97 18.69 6.40
C10 LBN I . 14.28 19.42 6.66
C13 LBN I . 14.86 19.17 8.03
C26 LBN I . 7.00 15.78 -2.14
C27 LBN I . 7.85 15.64 -0.89
C28 LBN I . 9.10 16.49 -0.89
C29 LBN I . 9.93 16.37 0.38
C30 LBN I . 10.40 17.70 0.94
C31 LBN I . 11.10 17.58 2.28
C32 LBN I . 10.51 18.44 3.37
C33 LBN I . 11.09 18.20 4.75
C4 LBN J . 20.09 -12.98 -18.30
C7 LBN J . 19.18 -11.76 -18.27
C10 LBN J . 19.90 -10.47 -17.92
C13 LBN J . 18.99 -9.25 -17.88
C16 LBN J . 18.31 -8.98 -19.21
C25 LBN J . 20.02 -23.00 -21.76
C26 LBN J . 20.39 -21.72 -21.01
C27 LBN J . 20.20 -21.81 -19.51
C28 LBN J . 20.56 -20.55 -18.76
C29 LBN J . 19.71 -19.34 -19.12
C30 LBN J . 20.10 -18.07 -18.37
C31 LBN J . 19.68 -16.78 -19.06
C32 LBN J . 20.19 -15.53 -18.37
C33 LBN J . 19.39 -14.27 -18.69
C4 LBN K . 35.65 -4.05 -11.73
C7 LBN K . 35.05 -4.87 -10.59
C10 LBN K . 33.70 -5.48 -10.93
C13 LBN K . 33.09 -6.29 -9.79
C16 LBN K . 31.74 -6.88 -10.14
C25 LBN K . 41.75 3.46 -5.70
C26 LBN K . 40.54 2.54 -5.88
C27 LBN K . 40.72 1.51 -6.99
C28 LBN K . 39.51 0.60 -7.17
C29 LBN K . 39.68 -0.43 -8.29
C30 LBN K . 38.46 -1.34 -8.46
C31 LBN K . 38.28 -1.84 -9.89
C32 LBN K . 37.05 -2.72 -10.06
C33 LBN K . 37.00 -3.44 -11.41
C4 LBN L . -0.87 10.72 -12.90
C7 LBN L . 0.35 11.58 -12.61
C10 LBN L . 1.12 11.99 -13.85
C13 LBN L . 0.28 12.77 -14.85
C16 LBN L . 1.07 13.20 -16.07
C25 LBN L . -6.70 3.59 -11.44
C26 LBN L . -6.02 4.94 -11.62
C27 LBN L . -6.60 6.03 -10.74
C28 LBN L . -5.93 7.39 -10.90
C29 LBN L . -6.02 7.94 -12.32
C30 LBN L . -5.26 9.25 -12.52
C31 LBN L . -4.07 9.43 -11.59
C32 LBN L . -3.22 10.64 -11.91
C33 LBN L . -1.73 10.43 -11.67
C4 LBN M . 17.32 21.93 -10.43
C7 LBN M . 16.06 22.07 -11.27
C10 LBN M . 16.08 21.25 -12.55
C13 LBN M . 14.79 21.33 -13.35
C16 LBN M . 13.61 20.75 -12.62
C25 LBN M . 25.34 24.99 -7.71
C26 LBN M . 24.34 26.11 -7.82
C27 LBN M . 22.89 25.66 -7.66
C28 LBN M . 21.89 26.80 -7.70
C29 LBN M . 20.44 26.35 -7.50
C30 LBN M . 19.92 25.46 -8.61
C31 LBN M . 18.48 25.01 -8.40
C32 LBN M . 17.90 24.25 -9.58
C33 LBN M . 17.37 22.88 -9.24
C1 LBN N . 31.21 -2.81 2.91
P1 LBN N . 32.89 -2.13 0.99
C2 LBN N . 30.01 -3.40 2.20
C3 LBN N . 30.22 -4.86 1.86
O1 LBN N . 32.39 -3.11 2.14
O2 LBN N . 34.31 -2.41 0.69
O3 LBN N . 32.50 -0.76 1.40
O4 LBN N . 32.01 -2.53 -0.27
C25 LBN N . 29.82 -5.65 -0.33
O5 LBN N . 30.62 -4.95 0.48
C26 LBN N . 30.34 -5.66 -1.74
O6 LBN N . 28.81 -6.20 0.03
C27 LBN N . 30.25 -7.01 -2.43
C28 LBN N . 28.86 -7.32 -2.96
C29 LBN N . 28.68 -6.94 -4.42
C30 LBN N . 27.33 -7.33 -4.99
C31 LBN N . 27.05 -8.83 -4.96
C32 LBN N . 25.71 -9.23 -5.55
C34 LBN N . 28.61 -4.16 4.01
O7 LBN N . 28.83 -3.25 3.05
C35 LBN N . 27.21 -4.67 3.96
O8 LBN N . 29.43 -4.48 4.84
C36 LBN N . 26.94 -5.59 2.77
C37 LBN N . 25.55 -6.21 2.79
C38 LBN N . 25.26 -7.10 1.58
C39 LBN N . 23.87 -7.70 1.59
C40 LBN N . 23.62 -8.69 2.71
C41 LBN N . 22.17 -9.17 2.81
C42 LBN N . 21.67 -9.79 1.53
O3B CDP O . 14.89 -1.14 -31.83
PB CDP O . 16.11 -1.11 -32.75
O1B CDP O . 17.36 -1.45 -31.93
O2B CDP O . 16.25 0.16 -33.52
O3A CDP O . 15.92 -2.36 -33.72
PA CDP O . 16.78 -3.68 -33.94
O1A CDP O . 17.87 -3.78 -32.95
O2A CDP O . 17.25 -3.67 -35.39
O5' CDP O . 15.75 -4.89 -33.81
C5' CDP O . 15.53 -5.91 -34.80
C4' CDP O . 14.64 -6.98 -34.24
O4' CDP O . 15.39 -8.19 -34.04
C3' CDP O . 14.04 -6.68 -32.88
O3' CDP O . 12.87 -5.87 -32.99
C2' CDP O . 13.71 -8.08 -32.34
O2' CDP O . 12.41 -8.51 -32.76
C1' CDP O . 14.80 -8.95 -32.99
N1 CDP O . 15.86 -9.36 -32.06
C2 CDP O . 15.97 -10.71 -31.72
O2 CDP O . 15.17 -11.51 -32.20
N3 CDP O . 16.95 -11.08 -30.86
C4 CDP O . 17.79 -10.18 -30.34
N4 CDP O . 18.74 -10.60 -29.50
C5 CDP O . 17.71 -8.80 -30.68
C6 CDP O . 16.73 -8.43 -31.53
C4 LBN P . 5.43 -3.84 7.65
C7 LBN P . 5.88 -3.70 9.10
C10 LBN P . 6.48 -2.34 9.42
C13 LBN P . 7.00 -2.22 10.85
C26 LBN P . 1.51 -4.52 2.73
C27 LBN P . 0.89 -3.38 1.95
C28 LBN P . 1.75 -2.13 1.89
C29 LBN P . 2.08 -1.53 3.25
C30 LBN P . 3.55 -1.61 3.62
C31 LBN P . 3.82 -1.55 5.11
C32 LBN P . 4.00 -2.92 5.76
C33 LBN P . 4.36 -2.85 7.23
C4 LBN Q . 11.25 -0.68 15.37
C7 LBN Q . 11.45 -2.16 15.62
C10 LBN Q . 10.39 -3.05 15.00
C13 LBN Q . 10.29 -2.89 13.51
C25 LBN Q . 17.47 7.21 18.66
C26 LBN Q . 16.15 6.62 18.18
C27 LBN Q . 15.89 5.21 18.68
C28 LBN Q . 14.59 4.60 18.19
C29 LBN Q . 14.32 3.19 18.71
C30 LBN Q . 13.62 2.29 17.70
C31 LBN Q . 13.47 0.86 18.19
C32 LBN Q . 12.31 0.10 17.54
C33 LBN Q . 12.28 0.21 16.03
C4 LBN R . 3.36 -10.10 5.41
C7 LBN R . 2.70 -9.38 6.56
C10 LBN R . 3.64 -9.04 7.70
C13 LBN R . 4.27 -10.25 8.37
C16 LBN R . 3.25 -11.17 8.99
C25 LBN R . -0.98 -12.12 -3.48
C26 LBN R . -0.19 -11.71 -2.25
C27 LBN R . -0.75 -10.48 -1.53
C28 LBN R . 0.05 -10.07 -0.30
C29 LBN R . -0.51 -8.87 0.43
C30 LBN R . 0.29 -8.48 1.66
C31 LBN R . 0.92 -9.66 2.38
C32 LBN R . 1.78 -9.28 3.57
C33 LBN R . 2.40 -10.48 4.29
C4 LBN S . 0.62 10.06 -1.09
C7 LBN S . 1.51 11.30 -1.08
C10 LBN S . 2.36 11.43 0.17
C13 LBN S . 3.20 12.70 0.22
C26 LBN S . -1.62 4.41 -2.85
C27 LBN S . -1.18 3.08 -2.26
C28 LBN S . -0.75 3.15 -0.80
C29 LBN S . 0.41 4.09 -0.55
C30 LBN S . 0.05 5.31 0.29
C31 LBN S . 0.99 6.49 0.10
C32 LBN S . 0.48 7.53 -0.90
C33 LBN S . 1.38 8.75 -1.01
C4 LBN T . 5.60 17.98 2.89
C7 LBN T . 4.75 18.80 1.94
C10 LBN T . 4.17 18.01 0.79
C13 LBN T . 3.31 16.86 1.23
C25 LBN T . 10.46 21.48 11.62
C26 LBN T . 10.26 20.52 10.46
C27 LBN T . 9.80 21.18 9.17
C28 LBN T . 9.57 20.22 8.02
C29 LBN T . 9.13 20.90 6.72
C30 LBN T . 8.15 20.08 5.90
C31 LBN T . 7.62 20.81 4.68
C32 LBN T . 7.15 19.89 3.56
C33 LBN T . 6.21 18.79 4.02
C4 LBN U . -4.07 9.36 -6.18
C7 LBN U . -2.59 9.49 -6.45
C10 LBN U . -1.97 10.76 -5.88
C13 LBN U . -2.53 12.04 -6.48
C16 LBN U . -2.31 12.14 -7.97
C25 LBN U . -9.67 1.18 -8.07
C26 LBN U . -8.88 2.39 -7.59
C27 LBN U . -7.41 2.10 -7.31
C28 LBN U . -6.63 3.31 -6.83
C29 LBN U . -5.15 3.05 -6.58
C30 LBN U . -4.39 4.27 -6.10
C31 LBN U . -4.90 5.58 -6.69
C32 LBN U . -4.19 6.81 -6.18
C33 LBN U . -4.70 8.12 -6.78
MG MG V . -27.40 -6.03 18.82
MG MG W . -30.78 -8.11 18.10
C4 LBN X . -16.43 12.78 2.48
C7 LBN X . -16.76 14.05 3.26
C10 LBN X . -15.65 14.51 4.18
C13 LBN X . -16.11 15.45 5.28
C16 LBN X . -16.33 16.88 4.81
C29 LBN X . -12.57 9.68 0.28
C30 LBN X . -12.94 10.08 1.70
C31 LBN X . -14.37 10.59 1.84
C32 LBN X . -14.72 11.05 3.24
C33 LBN X . -16.14 11.57 3.36
C1 LBN Y . -5.94 3.19 -0.41
N1 LBN Y . -11.19 1.16 -2.66
P1 LBN Y . -7.36 4.49 -2.21
C2 LBN Y . -5.27 3.42 0.90
C3 LBN Y . -4.54 2.19 1.38
C5 LBN Y . 0.40 14.45 3.62
C6 LBN Y . -10.33 2.20 -1.98
O1 LBN Y . -6.65 4.40 -0.79
C8 LBN Y . 0.16 15.64 4.50
C9 LBN Y . -9.49 3.07 -2.87
O2 LBN Y . -8.85 3.98 -1.94
C11 LBN Y . 0.05 15.26 5.98
C12 LBN Y . -10.31 0.14 -3.31
O3 LBN Y . -6.69 3.55 -3.14
C14 LBN Y . -0.35 16.42 6.88
C15 LBN Y . -12.04 1.81 -3.69
O4 LBN Y . -7.44 5.91 -2.58
C17 LBN Y . -1.72 17.00 6.57
C18 LBN Y . -12.06 0.48 -1.66
C25 LBN Y . -3.01 1.59 3.09
O5 LBN Y . -3.78 2.54 2.55
C26 LBN Y . -2.32 2.09 4.34
O6 LBN Y . -2.89 0.48 2.64
C27 LBN Y . -1.46 3.31 4.09
C28 LBN Y . -1.06 4.04 5.37
C29 LBN Y . 0.39 3.83 5.78
C30 LBN Y . 0.70 2.43 6.26
C31 LBN Y . 2.13 2.24 6.73
C32 LBN Y . 2.40 0.88 7.38
C34 LBN Y . -4.52 5.66 1.27
O7 LBN Y . -4.26 4.46 0.73
C35 LBN Y . -3.35 6.14 2.08
O8 LBN Y . -5.55 6.26 1.12
C36 LBN Y . -3.34 7.64 2.29
C37 LBN Y . -2.12 8.13 3.05
C38 LBN Y . -2.10 9.63 3.30
C39 LBN Y . -2.25 10.47 2.05
C40 LBN Y . -2.08 11.96 2.29
C41 LBN Y . -0.69 12.35 2.77
C42 LBN Y . -0.51 13.83 2.90
C4 LBN Z . -13.52 15.23 23.85
C7 LBN Z . -13.68 16.48 24.72
C10 LBN Z . -13.52 17.78 23.95
C13 LBN Z . -13.60 19.03 24.81
C16 LBN Z . -14.91 19.15 25.56
C25 LBN Z . -20.56 11.10 16.68
C26 LBN Z . -20.20 11.89 17.92
C27 LBN Z . -18.76 12.40 17.93
C28 LBN Z . -18.39 13.15 19.20
C29 LBN Z . -16.94 13.65 19.22
C30 LBN Z . -16.56 14.35 20.51
C31 LBN Z . -15.97 13.44 21.56
C32 LBN Z . -15.59 14.13 22.85
C33 LBN Z . -14.49 15.18 22.69
C4 LBN AA . -1.11 -4.38 21.93
C7 LBN AA . -0.08 -4.78 20.89
C10 LBN AA . -0.64 -4.96 19.49
C13 LBN AA . 0.38 -5.40 18.46
C16 LBN AA . -0.22 -5.66 17.10
C25 LBN AA . 4.99 1.12 29.73
C26 LBN AA . 4.85 0.52 28.34
C27 LBN AA . 3.40 0.20 27.95
C28 LBN AA . 3.26 -0.44 26.58
C29 LBN AA . 1.83 -0.81 26.22
C30 LBN AA . 1.70 -1.47 24.85
C31 LBN AA . 0.72 -2.63 24.82
C32 LBN AA . 0.62 -3.31 23.47
C33 LBN AA . -0.55 -4.27 23.35
C4 LBN BA . 10.69 4.77 20.00
C7 LBN BA . 11.24 6.18 19.85
C10 LBN BA . 11.38 6.94 21.16
C13 LBN BA . 11.92 8.35 21.00
C26 LBN BA . 5.92 -2.50 16.16
C27 LBN BA . 6.36 -1.04 16.29
C28 LBN BA . 6.42 -0.55 17.72
C29 LBN BA . 6.88 0.90 17.85
C30 LBN BA . 7.92 1.13 18.93
C31 LBN BA . 8.48 2.54 18.95
C32 LBN BA . 9.99 2.61 18.85
C33 LBN BA . 10.53 4.02 18.70
C4 LBN CA . -28.19 4.66 9.51
C7 LBN CA . -27.05 3.68 9.74
C10 LBN CA . -26.26 3.93 11.01
C13 LBN CA . -25.12 2.95 11.24
C16 LBN CA . -25.58 1.51 11.33
C25 LBN CA . -36.86 5.70 3.51
C26 LBN CA . -35.68 6.01 4.43
C27 LBN CA . -34.66 6.95 3.82
C28 LBN CA . -33.49 7.27 4.73
C29 LBN CA . -32.64 6.06 5.10
C30 LBN CA . -31.48 6.38 6.03
C31 LBN CA . -30.96 5.19 6.82
C32 LBN CA . -29.90 5.56 7.85
C33 LBN CA . -29.01 4.39 8.26
C4 LBN DA . -24.03 15.99 24.32
C7 LBN DA . -23.56 16.67 23.05
C10 LBN DA . -23.66 15.79 21.81
C13 LBN DA . -23.18 16.47 20.54
C16 LBN DA . -23.28 15.57 19.32
C25 LBN DA . -17.54 21.42 31.95
C26 LBN DA . -17.78 20.84 30.57
C27 LBN DA . -19.25 20.55 30.27
C28 LBN DA . -19.49 19.97 28.88
C29 LBN DA . -20.95 19.66 28.58
C30 LBN DA . -21.19 19.09 27.20
C31 LBN DA . -22.39 18.16 27.11
C32 LBN DA . -22.60 17.57 25.73
C33 LBN DA . -23.94 16.86 25.57
C4 LBN EA . -1.51 -13.16 10.31
C7 LBN EA . -1.23 -12.48 11.65
C10 LBN EA . -2.10 -12.99 12.79
C13 LBN EA . -1.96 -14.49 13.04
C16 LBN EA . -2.80 -14.97 14.20
C25 LBN EA . -2.85 -13.40 1.09
C26 LBN EA . -2.36 -13.55 2.53
C27 LBN EA . -0.86 -13.69 2.65
C28 LBN EA . -0.36 -13.85 4.08
C29 LBN EA . -0.92 -15.08 4.79
C30 LBN EA . -0.51 -15.19 6.26
C31 LBN EA . -0.24 -13.85 6.92
C32 LBN EA . 0.00 -13.95 8.42
C33 LBN EA . -0.54 -12.77 9.21
C4 LBN FA . 0.34 -3.78 29.58
C7 LBN FA . 0.35 -5.21 29.06
C10 LBN FA . -1.04 -5.80 28.86
C13 LBN FA . -1.03 -7.19 28.27
C16 LBN FA . -0.46 -7.24 26.87
C25 LBN FA . 1.06 2.13 36.34
C26 LBN FA . 2.08 1.04 36.47
C27 LBN FA . 2.46 0.38 35.14
C28 LBN FA . 3.53 -0.68 35.26
C29 LBN FA . 3.93 -1.31 33.93
C30 LBN FA . 2.82 -2.10 33.27
C31 LBN FA . 3.22 -2.71 31.94
C32 LBN FA . 2.17 -3.63 31.35
C33 LBN FA . 1.73 -3.25 29.95
C1 LBN GA . -11.73 22.83 18.21
P1 LBN GA . -13.22 22.33 20.34
C2 LBN GA . -12.12 21.78 17.20
C3 LBN GA . -13.35 22.18 16.43
O1 LBN GA . -12.89 23.15 19.01
O2 LBN GA . -14.14 23.13 21.18
O3 LBN GA . -11.93 21.89 20.91
O4 LBN GA . -13.99 21.04 19.82
C25 LBN GA . -15.18 20.69 16.21
O5 LBN GA . -14.50 21.51 17.00
C26 LBN GA . -16.33 20.06 16.94
O6 LBN GA . -14.91 20.49 15.05
C27 LBN GA . -17.62 19.99 16.13
C28 LBN GA . -17.64 18.85 15.13
C29 LBN GA . -18.31 17.60 15.66
C30 LBN GA . -18.43 16.48 14.64
C31 LBN GA . -19.25 16.84 13.42
C32 LBN GA . -19.39 15.72 12.40
C34 LBN GA . -10.85 22.40 15.24
O7 LBN GA . -11.01 21.56 16.28
C35 LBN GA . -10.69 21.65 13.96
O8 LBN GA . -10.82 23.60 15.35
C36 LBN GA . -11.96 20.98 13.47
C37 LBN GA . -11.81 20.32 12.11
C38 LBN GA . -13.08 19.61 11.62
C39 LBN GA . -12.92 18.94 10.27
C40 LBN GA . -12.71 19.91 9.12
C41 LBN GA . -12.39 19.21 7.80
C42 LBN GA . -13.45 18.23 7.38
O3B CDP HA . -27.76 -12.08 17.88
PB CDP HA . -28.82 -11.95 18.97
O1B CDP HA . -28.97 -10.47 19.34
O2B CDP HA . -28.59 -12.84 20.14
O3A CDP HA . -30.20 -12.31 18.24
PA CDP HA . -31.51 -11.45 17.96
O1A CDP HA . -31.32 -10.04 18.36
O2A CDP HA . -32.66 -12.16 18.68
O5' CDP HA . -31.80 -11.60 16.40
C5' CDP HA . -33.04 -12.07 15.82
C4' CDP HA . -33.00 -11.88 14.33
O4' CDP HA . -33.91 -10.84 13.95
C3' CDP HA . -31.66 -11.43 13.76
O3' CDP HA . -30.78 -12.53 13.57
C2' CDP HA . -32.07 -10.78 12.44
O2' CDP HA . -32.13 -11.75 11.38
C1' CDP HA . -33.47 -10.24 12.75
N1 CDP HA . -33.51 -8.78 12.92
C2 CDP HA . -34.18 -8.01 11.97
O2 CDP HA . -34.71 -8.57 11.02
N3 CDP HA . -34.22 -6.66 12.13
C4 CDP HA . -33.62 -6.08 13.18
N4 CDP HA . -33.68 -4.75 13.29
C5 CDP HA . -32.93 -6.84 14.17
C6 CDP HA . -32.90 -8.18 14.00
#